data_4DGC
#
_entry.id   4DGC
#
_cell.length_a   108.470
_cell.length_b   108.470
_cell.length_c   423.060
_cell.angle_alpha   90.00
_cell.angle_beta   90.00
_cell.angle_gamma   120.00
#
_symmetry.space_group_name_H-M   'P 61 2 2'
#
loop_
_entity.id
_entity.type
_entity.pdbx_description
1 polymer TRIMCyp
2 polymer 'cyclosporin A'
3 water water
#
loop_
_entity_poly.entity_id
_entity_poly.type
_entity_poly.pdbx_seq_one_letter_code
_entity_poly.pdbx_strand_id
1 'polypeptide(L)'
;MVNPTVFFDIAVDGEPLGRVSFELFADKVPKTAENFRALSTGEKGFGYKGSCFHRIIPGFMCQGGNFTHHNGTGGKSIYG
EKFEDENFILKHTGPGILSMANAGPNTNGSQFFICTAKTEWLDGKHVVFGKVKEGMNIVEAMERFGSRNGKTSKKITIAD
CGQLE
;
A,B,C,D,E
2 'polypeptide(L)' (DAL)(MLE)(MLE)(MVA)(BMT)(ABA)(SAR)(MLE)V(MLE)A F,G,H,I,J
#
# COMPACT_ATOMS: atom_id res chain seq x y z
N VAL A 2 -22.45 13.30 -36.87
CA VAL A 2 -21.90 12.06 -36.17
C VAL A 2 -20.85 12.43 -35.14
N ASN A 3 -21.03 11.93 -33.92
CA ASN A 3 -20.13 12.28 -32.82
C ASN A 3 -18.69 11.72 -33.06
N PRO A 4 -17.67 12.59 -32.94
CA PRO A 4 -16.33 12.14 -33.14
C PRO A 4 -15.83 11.29 -31.99
N THR A 5 -14.91 10.36 -32.25
CA THR A 5 -14.25 9.57 -31.22
C THR A 5 -12.79 9.99 -31.11
N VAL A 6 -12.26 10.08 -29.89
CA VAL A 6 -10.84 10.38 -29.70
C VAL A 6 -10.19 9.41 -28.74
N PHE A 7 -8.86 9.34 -28.79
CA PHE A 7 -8.17 8.41 -27.93
C PHE A 7 -7.01 9.08 -27.20
N PHE A 8 -6.77 8.63 -25.97
CA PHE A 8 -5.52 8.88 -25.27
C PHE A 8 -4.76 7.59 -25.10
N ASP A 9 -3.48 7.60 -25.41
CA ASP A 9 -2.60 6.51 -24.99
C ASP A 9 -1.89 6.87 -23.68
N ILE A 10 -2.25 6.20 -22.61
CA ILE A 10 -1.82 6.59 -21.27
C ILE A 10 -0.47 5.94 -20.88
N ALA A 11 0.45 6.70 -20.27
CA ALA A 11 1.67 6.10 -19.68
C ALA A 11 1.81 6.40 -18.19
N VAL A 12 2.52 5.51 -17.53
CA VAL A 12 2.78 5.56 -16.12
C VAL A 12 4.29 5.58 -15.96
N ASP A 13 4.82 6.66 -15.40
CA ASP A 13 6.28 6.92 -15.36
C ASP A 13 6.92 6.62 -16.70
N GLY A 14 6.28 7.02 -17.79
CA GLY A 14 6.85 6.83 -19.14
C GLY A 14 6.53 5.49 -19.79
N GLU A 15 5.93 4.57 -19.04
CA GLU A 15 5.59 3.26 -19.54
C GLU A 15 4.15 3.20 -19.96
N PRO A 16 3.89 2.90 -21.27
CA PRO A 16 2.54 2.84 -21.85
C PRO A 16 1.66 1.78 -21.17
N LEU A 17 0.52 2.16 -20.67
CA LEU A 17 -0.34 1.22 -19.97
C LEU A 17 -1.38 0.70 -20.94
N GLY A 18 -2.04 1.62 -21.65
CA GLY A 18 -2.97 1.25 -22.70
C GLY A 18 -3.74 2.45 -23.20
N ARG A 19 -4.86 2.18 -23.87
CA ARG A 19 -5.59 3.21 -24.57
C ARG A 19 -6.97 3.45 -23.97
N VAL A 20 -7.41 4.70 -23.95
CA VAL A 20 -8.77 5.07 -23.54
C VAL A 20 -9.37 5.82 -24.70
N SER A 21 -10.63 5.54 -25.04
CA SER A 21 -11.30 6.31 -26.08
C SER A 21 -12.59 6.90 -25.56
N PHE A 22 -12.91 8.06 -26.12
CA PHE A 22 -14.04 8.84 -25.70
C PHE A 22 -14.93 9.19 -26.86
N GLU A 23 -16.23 9.10 -26.64
CA GLU A 23 -17.19 9.71 -27.53
C GLU A 23 -17.40 11.13 -27.05
N LEU A 24 -17.32 12.08 -27.97
CA LEU A 24 -17.58 13.50 -27.69
C LEU A 24 -18.96 13.90 -28.18
N PHE A 25 -19.73 14.51 -27.31
CA PHE A 25 -21.13 14.79 -27.55
C PHE A 25 -21.37 16.08 -28.33
N ALA A 26 -20.88 16.08 -29.56
CA ALA A 26 -20.95 17.21 -30.49
C ALA A 26 -22.40 17.53 -30.88
N ASP A 27 -23.27 16.55 -30.72
CA ASP A 27 -24.68 16.70 -31.02
C ASP A 27 -25.35 17.50 -29.92
N LYS A 28 -24.59 17.81 -28.87
CA LYS A 28 -25.13 18.57 -27.75
C LYS A 28 -24.34 19.80 -27.34
N VAL A 29 -23.02 19.72 -27.38
CA VAL A 29 -22.13 20.83 -27.10
C VAL A 29 -21.02 20.83 -28.17
N PRO A 30 -21.37 21.23 -29.42
CA PRO A 30 -20.40 21.09 -30.52
C PRO A 30 -19.11 21.89 -30.32
N LYS A 31 -19.23 23.07 -29.72
CA LYS A 31 -18.08 23.94 -29.51
C LYS A 31 -17.11 23.32 -28.49
N THR A 32 -17.65 22.81 -27.40
CA THR A 32 -16.83 22.17 -26.34
C THR A 32 -16.22 20.87 -26.81
N ALA A 33 -17.00 20.05 -27.51
CA ALA A 33 -16.49 18.82 -28.16
C ALA A 33 -15.37 19.13 -29.13
N GLU A 34 -15.57 20.14 -29.96
CA GLU A 34 -14.57 20.51 -30.99
C GLU A 34 -13.23 20.98 -30.39
N ASN A 35 -13.31 21.72 -29.30
CA ASN A 35 -12.10 22.14 -28.59
C ASN A 35 -11.35 20.91 -28.17
N PHE A 36 -12.03 19.98 -27.53
CA PHE A 36 -11.35 18.76 -27.07
C PHE A 36 -10.78 17.90 -28.20
N ARG A 37 -11.56 17.74 -29.27
CA ARG A 37 -11.08 16.99 -30.42
C ARG A 37 -9.77 17.60 -30.95
N ALA A 38 -9.76 18.91 -31.16
CA ALA A 38 -8.63 19.60 -31.79
C ALA A 38 -7.36 19.57 -30.90
N LEU A 39 -7.55 19.66 -29.60
CA LEU A 39 -6.45 19.53 -28.64
C LEU A 39 -5.96 18.10 -28.58
N SER A 40 -6.84 17.13 -28.82
CA SER A 40 -6.40 15.72 -28.95
C SER A 40 -5.57 15.42 -30.24
N THR A 41 -5.93 16.01 -31.36
CA THR A 41 -5.21 15.72 -32.60
C THR A 41 -3.94 16.54 -32.61
N GLY A 42 -3.95 17.64 -31.87
CA GLY A 42 -2.83 18.57 -31.92
C GLY A 42 -2.74 19.45 -33.16
N GLU A 43 -3.82 19.50 -33.96
CA GLU A 43 -3.79 20.11 -35.32
C GLU A 43 -3.60 21.63 -35.34
N LYS A 44 -3.88 22.30 -34.22
CA LYS A 44 -3.60 23.74 -34.10
C LYS A 44 -2.14 24.08 -33.73
N GLY A 45 -1.31 23.08 -33.44
CA GLY A 45 0.08 23.32 -33.05
C GLY A 45 0.31 23.15 -31.56
N PHE A 46 -0.73 22.80 -30.82
CA PHE A 46 -0.63 22.54 -29.40
C PHE A 46 -1.79 21.66 -29.00
N GLY A 47 -1.72 21.08 -27.81
CA GLY A 47 -2.78 20.21 -27.32
C GLY A 47 -2.32 19.26 -26.24
N TYR A 48 -3.06 18.18 -26.05
CA TYR A 48 -2.85 17.30 -24.93
C TYR A 48 -1.62 16.38 -25.00
N LYS A 49 -1.00 16.23 -26.16
CA LYS A 49 0.10 15.27 -26.22
C LYS A 49 1.23 15.65 -25.26
N GLY A 50 1.65 14.73 -24.41
CA GLY A 50 2.73 14.99 -23.44
C GLY A 50 2.25 15.54 -22.10
N SER A 51 0.98 15.93 -22.06
CA SER A 51 0.30 16.49 -20.93
C SER A 51 0.17 15.44 -19.86
N CYS A 52 -0.22 15.82 -18.65
CA CYS A 52 -0.30 14.86 -17.57
C CYS A 52 -1.54 14.97 -16.69
N PHE A 53 -1.95 13.89 -16.04
CA PHE A 53 -3.08 13.94 -15.11
C PHE A 53 -2.53 14.27 -13.74
N HIS A 54 -2.64 15.54 -13.37
CA HIS A 54 -1.88 16.04 -12.23
C HIS A 54 -2.65 15.96 -10.92
N ARG A 55 -3.96 15.71 -11.00
CA ARG A 55 -4.78 15.63 -9.81
C ARG A 55 -5.81 14.52 -9.97
N ILE A 56 -5.62 13.45 -9.20
CA ILE A 56 -6.43 12.25 -9.29
C ILE A 56 -6.93 11.95 -7.87
N ILE A 57 -8.25 11.92 -7.71
CA ILE A 57 -8.88 11.68 -6.43
C ILE A 57 -9.73 10.38 -6.53
N PRO A 58 -9.22 9.28 -6.00
CA PRO A 58 -9.96 8.01 -6.00
C PRO A 58 -11.35 8.21 -5.47
N GLY A 59 -12.34 7.67 -6.17
CA GLY A 59 -13.73 7.84 -5.79
C GLY A 59 -14.38 9.03 -6.44
N PHE A 60 -13.61 9.93 -7.04
CA PHE A 60 -14.15 11.18 -7.58
C PHE A 60 -13.83 11.25 -9.06
N MET A 61 -12.57 11.57 -9.41
CA MET A 61 -12.19 11.84 -10.82
C MET A 61 -10.69 11.98 -11.11
N CYS A 62 -10.34 11.91 -12.40
CA CYS A 62 -8.99 12.24 -12.87
C CYS A 62 -9.02 13.54 -13.68
N GLN A 63 -8.20 14.51 -13.28
CA GLN A 63 -8.17 15.79 -13.96
C GLN A 63 -6.85 16.00 -14.66
N GLY A 64 -6.89 16.42 -15.92
CA GLY A 64 -5.68 16.85 -16.62
C GLY A 64 -5.93 17.92 -17.64
N GLY A 65 -5.05 18.04 -18.62
CA GLY A 65 -5.27 18.92 -19.76
C GLY A 65 -4.56 20.24 -19.64
N ASN A 66 -3.77 20.40 -18.59
CA ASN A 66 -2.91 21.59 -18.46
C ASN A 66 -1.65 21.47 -19.34
N PHE A 67 -1.16 22.59 -19.84
CA PHE A 67 0.13 22.64 -20.53
C PHE A 67 0.59 24.11 -20.54
N THR A 68 1.88 24.36 -20.64
CA THR A 68 2.34 25.75 -20.58
C THR A 68 2.08 26.41 -21.95
N HIS A 69 1.70 27.69 -21.91
CA HIS A 69 1.49 28.51 -23.12
C HIS A 69 1.94 29.94 -22.81
N HIS A 70 2.20 30.72 -23.86
CA HIS A 70 2.51 32.14 -23.72
C HIS A 70 1.25 32.91 -23.25
N ASN A 71 1.47 33.91 -22.40
CA ASN A 71 0.48 34.93 -21.97
C ASN A 71 -0.56 34.51 -20.89
N GLY A 72 -0.18 33.58 -20.03
CA GLY A 72 -1.00 33.19 -18.91
C GLY A 72 -0.80 31.72 -18.59
N THR A 73 -1.76 31.17 -17.85
CA THR A 73 -1.60 29.86 -17.26
C THR A 73 -2.93 29.08 -17.21
N GLY A 74 -2.79 27.77 -17.07
CA GLY A 74 -3.97 26.91 -16.90
C GLY A 74 -4.34 26.11 -18.12
N GLY A 75 -3.76 26.45 -19.27
CA GLY A 75 -4.20 25.94 -20.59
C GLY A 75 -4.87 27.01 -21.45
N LYS A 76 -4.95 26.77 -22.76
CA LYS A 76 -5.77 27.59 -23.65
C LYS A 76 -6.65 26.72 -24.54
N SER A 77 -7.77 27.26 -24.97
CA SER A 77 -8.67 26.55 -25.86
C SER A 77 -8.29 26.94 -27.29
N ILE A 78 -8.87 26.27 -28.25
CA ILE A 78 -8.60 26.60 -29.65
C ILE A 78 -9.27 27.93 -30.06
N TYR A 79 -10.15 28.50 -29.23
CA TYR A 79 -10.83 29.75 -29.52
C TYR A 79 -10.18 30.96 -28.85
N GLY A 80 -9.22 30.70 -27.97
CA GLY A 80 -8.56 31.72 -27.14
C GLY A 80 -8.21 31.20 -25.73
N GLU A 81 -7.82 32.12 -24.86
CA GLU A 81 -7.47 31.83 -23.49
C GLU A 81 -8.65 31.23 -22.72
N LYS A 82 -9.86 31.70 -23.03
CA LYS A 82 -11.08 31.08 -22.43
C LYS A 82 -12.31 31.17 -23.32
N PHE A 83 -13.27 30.33 -23.05
CA PHE A 83 -14.54 30.41 -23.75
C PHE A 83 -15.72 30.09 -22.85
N GLU A 84 -16.90 30.42 -23.36
CA GLU A 84 -18.12 30.35 -22.58
C GLU A 84 -18.55 28.92 -22.25
N ASP A 85 -19.19 28.78 -21.10
CA ASP A 85 -20.00 27.63 -20.83
C ASP A 85 -21.08 27.55 -21.92
N GLU A 86 -20.96 26.56 -22.79
CA GLU A 86 -21.85 26.41 -23.92
C GLU A 86 -23.29 26.08 -23.51
N ASN A 87 -23.48 25.07 -22.68
CA ASN A 87 -24.79 24.83 -22.08
C ASN A 87 -24.63 23.78 -21.01
N PHE A 88 -25.65 23.58 -20.19
CA PHE A 88 -25.59 22.55 -19.17
C PHE A 88 -26.64 21.45 -19.40
N ILE A 89 -26.90 21.10 -20.67
CA ILE A 89 -27.88 20.09 -21.00
C ILE A 89 -27.48 18.75 -20.38
N LEU A 90 -26.22 18.37 -20.49
CA LEU A 90 -25.80 17.06 -20.03
C LEU A 90 -25.36 17.11 -18.57
N LYS A 91 -25.80 16.11 -17.81
CA LYS A 91 -25.46 15.97 -16.40
C LYS A 91 -24.31 14.98 -16.13
N HIS A 92 -23.79 15.02 -14.91
CA HIS A 92 -22.69 14.16 -14.52
C HIS A 92 -23.34 12.86 -14.00
N THR A 93 -23.58 11.90 -14.90
CA THR A 93 -24.47 10.80 -14.59
C THR A 93 -23.80 9.56 -13.99
N GLY A 94 -22.47 9.46 -14.11
CA GLY A 94 -21.76 8.27 -13.60
C GLY A 94 -20.30 8.22 -14.03
N PRO A 95 -19.61 7.12 -13.74
CA PRO A 95 -18.22 6.92 -14.16
C PRO A 95 -18.06 7.02 -15.66
N GLY A 96 -16.94 7.58 -16.12
CA GLY A 96 -16.64 7.71 -17.55
C GLY A 96 -16.95 9.08 -18.12
N ILE A 97 -17.73 9.87 -17.40
CA ILE A 97 -18.15 11.17 -17.92
C ILE A 97 -16.95 12.11 -18.08
N LEU A 98 -16.93 12.75 -19.24
CA LEU A 98 -15.93 13.74 -19.59
C LEU A 98 -16.58 15.14 -19.42
N SER A 99 -15.96 16.00 -18.63
CA SER A 99 -16.50 17.30 -18.28
C SER A 99 -15.38 18.31 -18.11
N MET A 100 -15.69 19.59 -18.33
CA MET A 100 -14.68 20.69 -18.30
C MET A 100 -14.42 21.20 -16.89
N ALA A 101 -13.14 21.25 -16.52
CA ALA A 101 -12.69 21.98 -15.35
C ALA A 101 -12.83 23.46 -15.66
N ASN A 102 -12.96 24.31 -14.64
CA ASN A 102 -13.02 25.75 -14.85
C ASN A 102 -12.56 26.52 -13.61
N ALA A 103 -12.52 27.84 -13.70
CA ALA A 103 -12.24 28.67 -12.54
C ALA A 103 -13.44 29.59 -12.34
N GLY A 104 -14.61 28.99 -12.40
CA GLY A 104 -15.83 29.73 -12.38
C GLY A 104 -16.46 29.90 -13.75
N PRO A 105 -17.57 30.61 -13.80
CA PRO A 105 -18.37 30.77 -15.02
C PRO A 105 -17.55 31.24 -16.20
N ASN A 106 -17.72 30.58 -17.34
CA ASN A 106 -17.15 31.02 -18.59
C ASN A 106 -15.64 31.14 -18.56
N THR A 107 -14.99 30.11 -18.06
CA THR A 107 -13.54 30.13 -17.97
C THR A 107 -12.95 28.82 -18.49
N ASN A 108 -13.66 28.18 -19.42
CA ASN A 108 -13.22 26.93 -19.99
C ASN A 108 -11.98 27.17 -20.80
N GLY A 109 -11.08 26.22 -20.79
CA GLY A 109 -9.81 26.31 -21.52
C GLY A 109 -9.47 24.99 -22.16
N SER A 110 -8.60 24.23 -21.49
CA SER A 110 -8.19 22.92 -21.94
C SER A 110 -8.36 21.90 -20.85
N GLN A 111 -8.44 22.30 -19.59
CA GLN A 111 -8.46 21.32 -18.53
C GLN A 111 -9.81 20.65 -18.44
N PHE A 112 -9.78 19.37 -18.10
CA PHE A 112 -10.98 18.57 -18.09
C PHE A 112 -10.81 17.52 -17.03
N PHE A 113 -11.89 16.77 -16.78
CA PHE A 113 -11.75 15.62 -15.91
C PHE A 113 -12.55 14.42 -16.40
N ILE A 114 -12.09 13.23 -16.02
CA ILE A 114 -12.80 12.00 -16.28
C ILE A 114 -13.35 11.51 -14.95
N CYS A 115 -14.68 11.41 -14.85
CA CYS A 115 -15.32 11.00 -13.61
C CYS A 115 -15.12 9.51 -13.38
N THR A 116 -14.93 9.13 -12.10
CA THR A 116 -14.91 7.74 -11.70
C THR A 116 -16.12 7.41 -10.81
N ALA A 117 -17.08 8.32 -10.74
CA ALA A 117 -18.29 8.16 -9.92
C ALA A 117 -19.36 9.12 -10.49
N LYS A 118 -20.60 8.97 -10.03
CA LYS A 118 -21.60 9.97 -10.31
C LYS A 118 -21.22 11.22 -9.49
N THR A 119 -21.10 12.38 -10.14
CA THR A 119 -20.74 13.65 -9.46
C THR A 119 -21.85 14.70 -9.69
N GLU A 120 -23.02 14.41 -9.15
CA GLU A 120 -24.18 15.25 -9.36
C GLU A 120 -24.02 16.67 -8.86
N TRP A 121 -23.21 16.86 -7.81
CA TRP A 121 -23.06 18.19 -7.19
C TRP A 121 -22.45 19.20 -8.15
N LEU A 122 -21.85 18.74 -9.24
CA LEU A 122 -21.25 19.60 -10.24
C LEU A 122 -22.15 19.97 -11.44
N ASP A 123 -23.35 19.37 -11.52
CA ASP A 123 -24.31 19.70 -12.57
C ASP A 123 -24.62 21.20 -12.53
N GLY A 124 -24.58 21.85 -13.70
CA GLY A 124 -24.89 23.28 -13.78
C GLY A 124 -23.68 24.19 -13.66
N LYS A 125 -22.55 23.60 -13.27
CA LYS A 125 -21.34 24.34 -13.07
C LYS A 125 -20.20 23.88 -13.97
N HIS A 126 -20.26 22.65 -14.44
CA HIS A 126 -19.28 22.15 -15.35
C HIS A 126 -19.97 21.55 -16.56
N VAL A 127 -19.49 21.93 -17.73
CA VAL A 127 -20.07 21.49 -18.97
C VAL A 127 -19.65 20.05 -19.25
N VAL A 128 -20.59 19.14 -19.18
CA VAL A 128 -20.34 17.76 -19.59
C VAL A 128 -20.35 17.68 -21.11
N PHE A 129 -19.40 16.95 -21.70
CA PHE A 129 -19.26 16.92 -23.15
C PHE A 129 -18.82 15.64 -23.78
N GLY A 130 -18.57 14.60 -22.99
CA GLY A 130 -18.19 13.33 -23.57
C GLY A 130 -18.28 12.22 -22.58
N LYS A 131 -17.80 11.06 -22.98
CA LYS A 131 -17.86 9.89 -22.13
C LYS A 131 -16.88 8.83 -22.63
N VAL A 132 -16.19 8.15 -21.71
CA VAL A 132 -15.35 7.03 -22.07
C VAL A 132 -16.15 5.99 -22.84
N LYS A 133 -15.54 5.51 -23.91
CA LYS A 133 -16.14 4.57 -24.81
C LYS A 133 -15.50 3.20 -24.56
N GLU A 134 -14.17 3.12 -24.70
CA GLU A 134 -13.44 1.93 -24.30
C GLU A 134 -12.24 2.32 -23.44
N GLY A 135 -11.81 1.36 -22.62
CA GLY A 135 -10.64 1.53 -21.79
C GLY A 135 -10.91 2.13 -20.43
N MET A 136 -12.11 1.93 -19.90
CA MET A 136 -12.41 2.38 -18.54
C MET A 136 -11.50 1.65 -17.54
N ASN A 137 -11.09 0.43 -17.85
CA ASN A 137 -10.10 -0.30 -17.04
C ASN A 137 -8.79 0.49 -16.90
N ILE A 138 -8.45 1.27 -17.92
CA ILE A 138 -7.28 2.13 -17.87
C ILE A 138 -7.54 3.28 -16.88
N VAL A 139 -8.71 3.89 -16.99
CA VAL A 139 -9.06 4.97 -16.08
C VAL A 139 -9.12 4.45 -14.66
N GLU A 140 -9.68 3.27 -14.45
CA GLU A 140 -9.65 2.66 -13.12
C GLU A 140 -8.22 2.37 -12.64
N ALA A 141 -7.33 1.94 -13.53
CA ALA A 141 -5.93 1.80 -13.14
C ALA A 141 -5.29 3.17 -12.79
N MET A 142 -5.60 4.21 -13.52
CA MET A 142 -5.00 5.51 -13.24
C MET A 142 -5.40 5.93 -11.83
N GLU A 143 -6.67 5.72 -11.53
CA GLU A 143 -7.31 6.19 -10.32
C GLU A 143 -6.58 5.68 -9.08
N ARG A 144 -6.05 4.47 -9.12
CA ARG A 144 -5.29 3.93 -7.98
C ARG A 144 -4.02 4.72 -7.66
N PHE A 145 -3.52 5.49 -8.62
CA PHE A 145 -2.30 6.24 -8.39
C PHE A 145 -2.60 7.60 -7.77
N GLY A 146 -3.86 7.89 -7.52
CA GLY A 146 -4.23 9.15 -6.88
C GLY A 146 -4.26 9.05 -5.37
N SER A 147 -4.83 10.06 -4.72
CA SER A 147 -4.94 10.10 -3.26
C SER A 147 -6.00 11.11 -2.92
N ARG A 148 -6.35 11.22 -1.64
CA ARG A 148 -7.41 12.15 -1.18
C ARG A 148 -7.15 13.60 -1.56
N ASN A 149 -5.90 14.04 -1.46
CA ASN A 149 -5.56 15.42 -1.80
C ASN A 149 -5.23 15.61 -3.28
N GLY A 150 -5.20 14.53 -4.06
CA GLY A 150 -5.07 14.62 -5.49
C GLY A 150 -3.69 14.29 -6.01
N LYS A 151 -2.69 14.18 -5.12
CA LYS A 151 -1.33 13.95 -5.57
C LYS A 151 -1.20 12.54 -6.05
N THR A 152 -0.49 12.36 -7.16
CA THR A 152 -0.35 11.05 -7.79
C THR A 152 0.97 10.45 -7.35
N SER A 153 1.03 9.13 -7.11
CA SER A 153 2.27 8.52 -6.65
C SER A 153 3.19 8.13 -7.81
N LYS A 154 2.64 8.11 -9.01
CA LYS A 154 3.47 7.96 -10.21
C LYS A 154 2.97 8.95 -11.24
N LYS A 155 3.81 9.31 -12.20
CA LYS A 155 3.44 10.36 -13.15
C LYS A 155 2.54 9.77 -14.27
N ILE A 156 1.31 10.24 -14.36
CA ILE A 156 0.38 9.73 -15.34
C ILE A 156 0.31 10.69 -16.52
N THR A 157 0.71 10.24 -17.71
CA THR A 157 0.78 11.16 -18.85
C THR A 157 -0.03 10.65 -20.01
N ILE A 158 -0.35 11.56 -20.92
CA ILE A 158 -0.93 11.25 -22.22
C ILE A 158 0.22 11.14 -23.19
N ALA A 159 0.75 9.94 -23.35
CA ALA A 159 1.93 9.72 -24.23
C ALA A 159 1.60 10.08 -25.65
N ASP A 160 0.36 9.84 -26.04
CA ASP A 160 -0.10 10.20 -27.37
C ASP A 160 -1.59 10.30 -27.39
N CYS A 161 -2.09 11.03 -28.37
CA CYS A 161 -3.52 11.17 -28.52
C CYS A 161 -3.89 11.59 -29.94
N GLY A 162 -5.15 11.38 -30.30
CA GLY A 162 -5.68 11.73 -31.61
C GLY A 162 -7.13 11.35 -31.81
N GLN A 163 -7.56 11.29 -33.06
CA GLN A 163 -8.92 10.97 -33.41
C GLN A 163 -8.96 9.58 -34.09
N LEU A 164 -10.03 8.81 -33.86
CA LEU A 164 -10.18 7.45 -34.45
C LEU A 164 -11.08 7.40 -35.69
N VAL B 2 6.89 1.50 -46.40
CA VAL B 2 7.20 1.59 -44.95
C VAL B 2 6.57 0.41 -44.20
N ASN B 3 7.37 -0.23 -43.33
CA ASN B 3 6.88 -1.34 -42.49
C ASN B 3 5.87 -0.83 -41.44
N PRO B 4 4.66 -1.39 -41.45
CA PRO B 4 3.66 -0.99 -40.51
C PRO B 4 4.04 -1.36 -39.10
N THR B 5 3.47 -0.68 -38.12
CA THR B 5 3.66 -1.00 -36.73
C THR B 5 2.30 -1.26 -36.08
N VAL B 6 2.18 -2.31 -35.25
CA VAL B 6 0.94 -2.55 -34.51
C VAL B 6 1.16 -2.62 -33.00
N PHE B 7 0.10 -2.41 -32.22
CA PHE B 7 0.15 -2.49 -30.78
C PHE B 7 -0.86 -3.50 -30.23
N PHE B 8 -0.44 -4.23 -29.21
CA PHE B 8 -1.36 -4.99 -28.36
C PHE B 8 -1.36 -4.36 -26.96
N ASP B 9 -2.54 -4.08 -26.42
CA ASP B 9 -2.66 -3.73 -25.00
C ASP B 9 -3.03 -5.01 -24.23
N ILE B 10 -2.10 -5.49 -23.40
CA ILE B 10 -2.26 -6.78 -22.71
C ILE B 10 -2.91 -6.56 -21.36
N ALA B 11 -3.81 -7.46 -20.99
CA ALA B 11 -4.43 -7.46 -19.67
C ALA B 11 -4.30 -8.85 -19.02
N VAL B 12 -4.15 -8.83 -17.70
CA VAL B 12 -4.11 -10.02 -16.89
C VAL B 12 -5.42 -10.08 -16.08
N ASP B 13 -6.28 -11.03 -16.39
CA ASP B 13 -7.60 -11.14 -15.74
C ASP B 13 -8.38 -9.82 -15.79
N GLY B 14 -8.32 -9.14 -16.94
CA GLY B 14 -9.03 -7.89 -17.14
C GLY B 14 -8.24 -6.67 -16.68
N GLU B 15 -7.21 -6.86 -15.87
CA GLU B 15 -6.41 -5.77 -15.32
C GLU B 15 -5.28 -5.43 -16.30
N PRO B 16 -5.20 -4.16 -16.75
CA PRO B 16 -4.18 -3.79 -17.75
C PRO B 16 -2.77 -4.00 -17.23
N LEU B 17 -1.93 -4.65 -18.02
CA LEU B 17 -0.53 -4.91 -17.65
C LEU B 17 0.40 -3.92 -18.36
N GLY B 18 0.32 -3.86 -19.68
CA GLY B 18 1.06 -2.85 -20.43
C GLY B 18 0.87 -3.03 -21.91
N ARG B 19 1.68 -2.35 -22.72
CA ARG B 19 1.56 -2.44 -24.17
C ARG B 19 2.79 -3.06 -24.80
N VAL B 20 2.57 -3.82 -25.86
CA VAL B 20 3.64 -4.36 -26.70
C VAL B 20 3.39 -3.86 -28.12
N SER B 21 4.40 -3.29 -28.77
CA SER B 21 4.33 -2.94 -30.19
C SER B 21 5.28 -3.78 -31.08
N PHE B 22 4.88 -4.01 -32.33
CA PHE B 22 5.63 -4.85 -33.24
C PHE B 22 5.95 -4.15 -34.54
N GLU B 23 7.18 -4.26 -35.02
CA GLU B 23 7.41 -3.94 -36.41
C GLU B 23 7.02 -5.17 -37.25
N LEU B 24 6.26 -4.97 -38.31
CA LEU B 24 5.93 -6.06 -39.23
C LEU B 24 6.78 -5.93 -40.50
N PHE B 25 7.42 -7.04 -40.89
CA PHE B 25 8.36 -7.01 -41.97
C PHE B 25 7.64 -7.17 -43.29
N ALA B 26 6.86 -6.16 -43.65
CA ALA B 26 6.16 -6.11 -44.93
C ALA B 26 7.13 -6.06 -46.11
N ASP B 27 8.37 -5.69 -45.85
CA ASP B 27 9.35 -5.59 -46.94
C ASP B 27 9.96 -6.95 -47.27
N LYS B 28 9.55 -7.98 -46.54
CA LYS B 28 9.98 -9.34 -46.79
C LYS B 28 8.86 -10.39 -46.96
N VAL B 29 7.76 -10.21 -46.24
CA VAL B 29 6.60 -11.11 -46.29
C VAL B 29 5.35 -10.25 -46.21
N PRO B 30 5.06 -9.48 -47.26
CA PRO B 30 3.95 -8.55 -47.22
C PRO B 30 2.60 -9.20 -47.04
N LYS B 31 2.39 -10.37 -47.61
CA LYS B 31 1.13 -11.06 -47.43
C LYS B 31 0.92 -11.44 -45.96
N THR B 32 1.92 -12.08 -45.38
CA THR B 32 1.88 -12.46 -43.97
C THR B 32 1.81 -11.24 -43.01
N ALA B 33 2.59 -10.21 -43.28
CA ALA B 33 2.53 -8.95 -42.52
C ALA B 33 1.11 -8.34 -42.61
N GLU B 34 0.55 -8.31 -43.81
CA GLU B 34 -0.76 -7.71 -44.04
C GLU B 34 -1.89 -8.43 -43.29
N ASN B 35 -1.88 -9.75 -43.28
CA ASN B 35 -2.86 -10.52 -42.50
C ASN B 35 -2.89 -10.11 -41.03
N PHE B 36 -1.70 -9.99 -40.44
CA PHE B 36 -1.58 -9.67 -39.02
C PHE B 36 -2.03 -8.22 -38.70
N ARG B 37 -1.61 -7.29 -39.57
CA ARG B 37 -1.99 -5.89 -39.47
C ARG B 37 -3.53 -5.79 -39.50
N ALA B 38 -4.16 -6.37 -40.50
CA ALA B 38 -5.61 -6.29 -40.63
C ALA B 38 -6.33 -6.96 -39.46
N LEU B 39 -5.77 -8.07 -38.99
CA LEU B 39 -6.39 -8.78 -37.88
C LEU B 39 -6.23 -7.95 -36.59
N SER B 40 -5.15 -7.17 -36.51
CA SER B 40 -4.90 -6.29 -35.40
C SER B 40 -5.80 -5.05 -35.38
N THR B 41 -6.16 -4.54 -36.56
CA THR B 41 -7.01 -3.36 -36.61
C THR B 41 -8.47 -3.77 -36.57
N GLY B 42 -8.74 -5.04 -36.83
CA GLY B 42 -10.12 -5.53 -36.90
C GLY B 42 -10.94 -5.08 -38.11
N GLU B 43 -10.27 -4.48 -39.10
CA GLU B 43 -10.99 -3.83 -40.19
C GLU B 43 -11.78 -4.76 -41.12
N LYS B 44 -11.58 -6.06 -41.08
CA LYS B 44 -12.42 -6.98 -41.85
C LYS B 44 -13.65 -7.47 -41.09
N GLY B 45 -13.86 -6.98 -39.86
CA GLY B 45 -15.01 -7.38 -39.03
C GLY B 45 -14.67 -8.43 -37.96
N PHE B 46 -13.38 -8.71 -37.81
CA PHE B 46 -12.92 -9.69 -36.86
C PHE B 46 -11.40 -9.59 -36.71
N GLY B 47 -10.85 -10.25 -35.69
CA GLY B 47 -9.42 -10.19 -35.44
C GLY B 47 -9.09 -10.42 -33.98
N TYR B 48 -7.92 -9.96 -33.60
CA TYR B 48 -7.32 -10.28 -32.30
C TYR B 48 -7.97 -9.67 -31.04
N LYS B 49 -8.64 -8.52 -31.18
CA LYS B 49 -9.21 -7.84 -30.01
C LYS B 49 -10.07 -8.81 -29.19
N GLY B 50 -9.75 -8.95 -27.91
CA GLY B 50 -10.46 -9.85 -27.02
C GLY B 50 -9.87 -11.24 -26.94
N SER B 51 -8.96 -11.60 -27.85
CA SER B 51 -8.43 -12.95 -27.85
C SER B 51 -7.39 -13.06 -26.73
N CYS B 52 -7.02 -14.30 -26.40
CA CYS B 52 -6.06 -14.51 -25.36
C CYS B 52 -4.81 -15.22 -25.85
N PHE B 53 -3.78 -15.21 -25.02
CA PHE B 53 -2.58 -16.00 -25.23
C PHE B 53 -2.80 -17.29 -24.44
N HIS B 54 -3.29 -18.32 -25.13
CA HIS B 54 -3.76 -19.56 -24.47
C HIS B 54 -2.64 -20.58 -24.12
N ARG B 55 -1.43 -20.39 -24.65
CA ARG B 55 -0.34 -21.32 -24.41
C ARG B 55 0.93 -20.48 -24.22
N ILE B 56 1.53 -20.55 -23.03
CA ILE B 56 2.73 -19.74 -22.75
C ILE B 56 3.77 -20.63 -22.12
N ILE B 57 4.91 -20.79 -22.79
CA ILE B 57 5.97 -21.64 -22.27
C ILE B 57 7.21 -20.79 -21.91
N PRO B 58 7.46 -20.60 -20.60
CA PRO B 58 8.61 -19.79 -20.20
C PRO B 58 9.89 -20.31 -20.82
N GLY B 59 10.69 -19.41 -21.37
CA GLY B 59 11.93 -19.78 -22.00
C GLY B 59 11.76 -20.05 -23.47
N PHE B 60 10.53 -19.99 -23.98
CA PHE B 60 10.25 -20.43 -25.36
C PHE B 60 9.46 -19.34 -26.10
N MET B 61 8.16 -19.21 -25.84
CA MET B 61 7.33 -18.23 -26.55
C MET B 61 5.95 -18.09 -25.93
N CYS B 62 5.23 -17.04 -26.34
CA CYS B 62 3.81 -16.89 -26.07
C CYS B 62 2.98 -17.08 -27.34
N GLN B 63 1.99 -17.95 -27.26
CA GLN B 63 1.14 -18.25 -28.43
C GLN B 63 -0.29 -17.70 -28.26
N GLY B 64 -0.75 -16.97 -29.26
CA GLY B 64 -2.15 -16.53 -29.32
C GLY B 64 -2.69 -16.45 -30.73
N GLY B 65 -3.81 -15.73 -30.88
CA GLY B 65 -4.42 -15.53 -32.17
C GLY B 65 -5.60 -16.41 -32.54
N ASN B 66 -6.04 -17.28 -31.63
CA ASN B 66 -7.23 -18.12 -31.88
C ASN B 66 -8.49 -17.36 -31.45
N PHE B 67 -9.46 -17.25 -32.34
CA PHE B 67 -10.83 -16.78 -32.02
C PHE B 67 -11.78 -17.72 -32.81
N THR B 68 -13.05 -17.85 -32.39
CA THR B 68 -13.94 -18.88 -33.01
C THR B 68 -14.72 -18.39 -34.26
N GLY B 74 -9.06 -23.22 -36.20
CA GLY B 74 -8.33 -22.50 -35.13
C GLY B 74 -7.98 -21.06 -35.51
N GLY B 75 -9.03 -20.23 -35.65
CA GLY B 75 -8.92 -18.90 -36.25
C GLY B 75 -8.98 -18.95 -37.77
N LYS B 76 -8.98 -17.77 -38.40
CA LYS B 76 -8.93 -17.69 -39.86
C LYS B 76 -8.14 -16.45 -40.31
N SER B 77 -7.70 -16.44 -41.56
CA SER B 77 -6.90 -15.37 -42.08
C SER B 77 -7.83 -14.44 -42.85
N ILE B 78 -7.31 -13.30 -43.30
CA ILE B 78 -8.12 -12.38 -44.10
C ILE B 78 -8.24 -12.88 -45.53
N TYR B 79 -7.53 -13.96 -45.85
CA TYR B 79 -7.53 -14.55 -47.19
C TYR B 79 -8.37 -15.82 -47.27
N GLY B 80 -8.80 -16.34 -46.12
CA GLY B 80 -9.65 -17.52 -46.02
C GLY B 80 -9.19 -18.47 -44.92
N GLU B 81 -9.65 -19.72 -44.99
CA GLU B 81 -9.36 -20.70 -43.94
C GLU B 81 -7.85 -20.91 -43.77
N LYS B 82 -7.06 -20.75 -44.83
CA LYS B 82 -5.60 -20.85 -44.72
C LYS B 82 -4.88 -20.20 -45.91
N PHE B 83 -3.62 -19.86 -45.69
CA PHE B 83 -2.77 -19.43 -46.79
C PHE B 83 -1.37 -20.04 -46.75
N GLU B 84 -0.76 -20.08 -47.92
CA GLU B 84 0.56 -20.64 -48.13
C GLU B 84 1.62 -19.96 -47.27
N ASP B 85 2.68 -20.69 -46.96
CA ASP B 85 3.88 -20.10 -46.36
C ASP B 85 4.50 -19.19 -47.42
N GLU B 86 4.66 -17.93 -47.12
CA GLU B 86 5.06 -16.98 -48.15
C GLU B 86 6.52 -17.15 -48.55
N ASN B 87 7.41 -17.16 -47.56
CA ASN B 87 8.80 -17.53 -47.77
C ASN B 87 9.40 -17.77 -46.38
N PHE B 88 10.62 -18.31 -46.36
CA PHE B 88 11.38 -18.44 -45.12
C PHE B 88 12.67 -17.59 -45.14
N ILE B 89 12.62 -16.41 -45.76
CA ILE B 89 13.78 -15.53 -45.78
C ILE B 89 14.30 -15.19 -44.37
N LEU B 90 13.39 -14.87 -43.45
CA LEU B 90 13.77 -14.44 -42.08
C LEU B 90 13.82 -15.62 -41.11
N LYS B 91 14.80 -15.59 -40.21
CA LYS B 91 15.03 -16.69 -39.27
C LYS B 91 14.55 -16.32 -37.88
N HIS B 92 14.48 -17.29 -36.98
CA HIS B 92 14.10 -17.03 -35.58
C HIS B 92 15.38 -16.71 -34.83
N THR B 93 15.71 -15.42 -34.75
CA THR B 93 17.07 -15.00 -34.31
C THR B 93 17.20 -14.62 -32.82
N GLY B 94 16.10 -14.57 -32.08
CA GLY B 94 16.18 -14.17 -30.67
C GLY B 94 14.87 -13.78 -30.06
N PRO B 95 14.88 -13.34 -28.82
CA PRO B 95 13.67 -12.84 -28.18
C PRO B 95 13.05 -11.72 -29.01
N GLY B 96 11.72 -11.72 -29.11
CA GLY B 96 11.00 -10.68 -29.74
C GLY B 96 10.39 -11.04 -31.08
N ILE B 97 10.89 -12.12 -31.68
CA ILE B 97 10.51 -12.47 -33.03
C ILE B 97 9.03 -12.80 -33.07
N LEU B 98 8.34 -12.31 -34.10
CA LEU B 98 6.97 -12.67 -34.32
C LEU B 98 6.91 -13.67 -35.51
N SER B 99 6.17 -14.75 -35.37
CA SER B 99 6.19 -15.83 -36.34
C SER B 99 4.86 -16.55 -36.35
N MET B 100 4.53 -17.23 -37.44
CA MET B 100 3.22 -17.88 -37.57
C MET B 100 3.24 -19.28 -36.99
N ALA B 101 2.25 -19.61 -36.18
CA ALA B 101 1.99 -21.00 -35.82
C ALA B 101 1.32 -21.66 -37.01
N ASN B 102 1.38 -22.98 -37.11
CA ASN B 102 0.71 -23.67 -38.20
C ASN B 102 0.38 -25.11 -37.81
N ALA B 103 -0.23 -25.84 -38.74
CA ALA B 103 -0.48 -27.27 -38.54
C ALA B 103 0.18 -28.04 -39.65
N GLY B 104 1.42 -27.68 -39.96
CA GLY B 104 2.15 -28.24 -41.08
C GLY B 104 2.25 -27.25 -42.24
N PRO B 105 2.89 -27.67 -43.34
CA PRO B 105 3.07 -26.78 -44.50
C PRO B 105 1.79 -26.10 -44.98
N ASN B 106 1.89 -24.81 -45.27
CA ASN B 106 0.84 -24.01 -45.88
C ASN B 106 -0.50 -24.04 -45.11
N THR B 107 -0.43 -23.87 -43.80
CA THR B 107 -1.66 -23.88 -43.00
C THR B 107 -1.79 -22.62 -42.15
N ASN B 108 -1.15 -21.53 -42.57
CA ASN B 108 -1.20 -20.30 -41.83
C ASN B 108 -2.61 -19.76 -41.74
N GLY B 109 -2.99 -19.32 -40.56
CA GLY B 109 -4.33 -18.85 -40.29
C GLY B 109 -4.18 -17.52 -39.60
N SER B 110 -4.43 -17.51 -38.29
CA SER B 110 -4.34 -16.28 -37.51
C SER B 110 -3.38 -16.42 -36.38
N GLN B 111 -3.08 -17.66 -35.97
CA GLN B 111 -2.32 -17.87 -34.76
C GLN B 111 -0.89 -17.56 -35.02
N PHE B 112 -0.23 -17.07 -33.98
CA PHE B 112 1.14 -16.63 -34.08
C PHE B 112 1.83 -16.84 -32.78
N PHE B 113 3.11 -16.53 -32.73
CA PHE B 113 3.83 -16.54 -31.47
C PHE B 113 4.89 -15.48 -31.37
N ILE B 114 5.14 -15.07 -30.14
CA ILE B 114 6.18 -14.14 -29.82
C ILE B 114 7.23 -14.92 -29.05
N CYS B 115 8.42 -14.98 -29.62
CA CYS B 115 9.52 -15.70 -29.01
C CYS B 115 10.04 -15.02 -27.77
N THR B 116 10.47 -15.81 -26.80
CA THR B 116 11.24 -15.22 -25.68
C THR B 116 12.65 -15.74 -25.64
N ALA B 117 13.10 -16.30 -26.75
CA ALA B 117 14.44 -16.83 -26.89
C ALA B 117 14.68 -17.04 -28.40
N LYS B 118 15.93 -17.33 -28.76
CA LYS B 118 16.24 -17.71 -30.14
C LYS B 118 15.69 -19.11 -30.36
N THR B 119 14.80 -19.28 -31.35
CA THR B 119 14.18 -20.57 -31.59
C THR B 119 14.55 -21.12 -32.98
N GLU B 120 15.82 -21.46 -33.12
CA GLU B 120 16.42 -21.79 -34.42
C GLU B 120 15.83 -23.06 -35.02
N TRP B 121 15.39 -24.00 -34.17
CA TRP B 121 14.88 -25.30 -34.65
C TRP B 121 13.60 -25.11 -35.49
N LEU B 122 12.97 -23.94 -35.38
CA LEU B 122 11.78 -23.62 -36.15
C LEU B 122 12.03 -22.98 -37.51
N ASP B 123 13.28 -22.58 -37.79
CA ASP B 123 13.62 -22.00 -39.08
C ASP B 123 13.22 -22.95 -40.20
N GLY B 124 12.65 -22.43 -41.28
CA GLY B 124 12.25 -23.25 -42.40
C GLY B 124 10.86 -23.88 -42.33
N LYS B 125 10.22 -23.81 -41.17
CA LYS B 125 8.89 -24.38 -40.95
C LYS B 125 7.84 -23.36 -40.49
N HIS B 126 8.27 -22.26 -39.89
CA HIS B 126 7.35 -21.18 -39.48
C HIS B 126 7.81 -19.85 -40.07
N VAL B 127 6.87 -19.14 -40.67
CA VAL B 127 7.15 -17.88 -41.34
C VAL B 127 7.34 -16.77 -40.29
N VAL B 128 8.58 -16.30 -40.18
CA VAL B 128 8.91 -15.15 -39.35
C VAL B 128 8.47 -13.92 -40.13
N PHE B 129 7.74 -13.00 -39.49
CA PHE B 129 7.20 -11.82 -40.18
C PHE B 129 7.24 -10.52 -39.41
N GLY B 130 7.86 -10.50 -38.24
CA GLY B 130 7.91 -9.27 -37.48
C GLY B 130 8.70 -9.43 -36.19
N LYS B 131 8.66 -8.37 -35.36
CA LYS B 131 9.47 -8.32 -34.17
C LYS B 131 8.99 -7.27 -33.20
N VAL B 132 9.07 -7.59 -31.91
CA VAL B 132 8.71 -6.66 -30.83
C VAL B 132 9.59 -5.44 -30.99
N LYS B 133 8.96 -4.27 -30.92
CA LYS B 133 9.63 -3.02 -31.08
C LYS B 133 9.75 -2.40 -29.70
N GLU B 134 8.65 -2.29 -28.96
CA GLU B 134 8.71 -1.89 -27.57
C GLU B 134 7.79 -2.75 -26.76
N GLY B 135 8.11 -2.87 -25.47
CA GLY B 135 7.29 -3.66 -24.57
C GLY B 135 7.78 -5.09 -24.37
N MET B 136 9.04 -5.39 -24.68
CA MET B 136 9.51 -6.73 -24.42
C MET B 136 9.39 -7.06 -22.91
N ASN B 137 9.53 -6.04 -22.05
CA ASN B 137 9.31 -6.21 -20.61
C ASN B 137 7.89 -6.73 -20.31
N ILE B 138 6.92 -6.34 -21.12
CA ILE B 138 5.56 -6.83 -20.94
C ILE B 138 5.46 -8.30 -21.39
N VAL B 139 6.11 -8.66 -22.50
CA VAL B 139 6.17 -10.07 -22.92
C VAL B 139 6.87 -10.91 -21.85
N GLU B 140 7.96 -10.41 -21.30
CA GLU B 140 8.61 -11.10 -20.20
C GLU B 140 7.66 -11.25 -19.02
N ALA B 141 6.78 -10.30 -18.79
CA ALA B 141 5.87 -10.40 -17.62
C ALA B 141 4.73 -11.38 -17.88
N MET B 142 4.24 -11.41 -19.12
CA MET B 142 3.28 -12.40 -19.54
C MET B 142 3.87 -13.79 -19.35
N GLU B 143 5.13 -13.90 -19.73
CA GLU B 143 5.85 -15.19 -19.71
C GLU B 143 5.80 -15.88 -18.35
N ARG B 144 5.76 -15.08 -17.28
CA ARG B 144 5.73 -15.63 -15.93
C ARG B 144 4.39 -16.23 -15.53
N PHE B 145 3.37 -16.05 -16.36
CA PHE B 145 2.07 -16.68 -16.12
C PHE B 145 1.96 -18.03 -16.85
N GLY B 146 3.03 -18.43 -17.53
CA GLY B 146 3.07 -19.69 -18.26
C GLY B 146 3.50 -20.84 -17.39
N SER B 147 3.77 -21.99 -18.01
CA SER B 147 4.22 -23.22 -17.33
C SER B 147 4.83 -24.15 -18.40
N ARG B 148 5.42 -25.26 -18.02
CA ARG B 148 6.11 -26.10 -19.02
C ARG B 148 5.19 -26.65 -20.07
N ASN B 149 3.97 -27.02 -19.69
CA ASN B 149 2.97 -27.53 -20.62
C ASN B 149 2.15 -26.46 -21.32
N GLY B 150 2.36 -25.19 -21.01
CA GLY B 150 1.68 -24.10 -21.68
C GLY B 150 0.49 -23.45 -20.98
N LYS B 151 -0.21 -24.20 -20.12
CA LYS B 151 -1.33 -23.69 -19.32
C LYS B 151 -0.93 -22.41 -18.60
N THR B 152 -1.78 -21.39 -18.69
CA THR B 152 -1.53 -20.11 -18.04
C THR B 152 -2.25 -20.04 -16.69
N SER B 153 -1.61 -19.46 -15.69
CA SER B 153 -2.22 -19.39 -14.36
C SER B 153 -3.25 -18.28 -14.28
N LYS B 154 -3.27 -17.37 -15.25
CA LYS B 154 -4.29 -16.31 -15.32
C LYS B 154 -4.61 -16.00 -16.77
N LYS B 155 -5.78 -15.41 -17.01
CA LYS B 155 -6.22 -15.21 -18.35
C LYS B 155 -5.51 -13.99 -18.91
N ILE B 156 -4.64 -14.23 -19.88
CA ILE B 156 -3.83 -13.19 -20.53
C ILE B 156 -4.50 -12.84 -21.85
N THR B 157 -4.98 -11.63 -21.99
CA THR B 157 -5.74 -11.27 -23.19
C THR B 157 -5.25 -9.95 -23.81
N ILE B 158 -5.59 -9.76 -25.07
CA ILE B 158 -5.38 -8.54 -25.80
C ILE B 158 -6.63 -7.70 -25.60
N ALA B 159 -6.60 -6.74 -24.69
CA ALA B 159 -7.82 -5.94 -24.40
C ALA B 159 -8.10 -4.97 -25.52
N ASP B 160 -7.06 -4.53 -26.21
CA ASP B 160 -7.19 -3.68 -27.37
C ASP B 160 -5.99 -3.89 -28.27
N CYS B 161 -6.17 -3.56 -29.54
CA CYS B 161 -5.07 -3.67 -30.51
C CYS B 161 -5.37 -2.85 -31.74
N GLY B 162 -4.32 -2.49 -32.47
CA GLY B 162 -4.46 -1.66 -33.66
C GLY B 162 -3.15 -1.30 -34.31
N GLN B 163 -3.18 -0.26 -35.13
CA GLN B 163 -1.99 0.14 -35.87
C GLN B 163 -1.54 1.46 -35.31
N LEU B 164 -0.24 1.69 -35.19
CA LEU B 164 0.28 2.95 -34.72
C LEU B 164 0.74 3.85 -35.86
N GLU B 165 0.58 5.15 -35.68
CA GLU B 165 1.02 6.18 -36.64
C GLU B 165 2.52 6.12 -36.97
N VAL C 2 -18.22 6.11 -1.92
CA VAL C 2 -19.18 5.53 -0.91
C VAL C 2 -19.43 6.48 0.25
N ASN C 3 -20.69 6.63 0.63
CA ASN C 3 -21.13 7.56 1.68
C ASN C 3 -20.62 7.08 3.02
N PRO C 4 -19.95 7.99 3.77
CA PRO C 4 -19.46 7.63 5.07
C PRO C 4 -20.59 7.48 6.05
N THR C 5 -20.31 6.74 7.12
CA THR C 5 -21.22 6.57 8.24
C THR C 5 -20.49 7.02 9.48
N VAL C 6 -21.16 7.84 10.28
CA VAL C 6 -20.65 8.26 11.59
C VAL C 6 -21.64 7.93 12.72
N PHE C 7 -21.13 7.98 13.95
CA PHE C 7 -21.94 7.68 15.14
C PHE C 7 -21.79 8.74 16.23
N PHE C 8 -22.84 8.86 17.03
CA PHE C 8 -22.88 9.68 18.25
C PHE C 8 -23.28 8.74 19.36
N ASP C 9 -22.51 8.69 20.44
CA ASP C 9 -22.97 8.05 21.68
C ASP C 9 -23.59 9.11 22.58
N ILE C 10 -24.90 8.99 22.82
CA ILE C 10 -25.64 10.00 23.55
C ILE C 10 -25.67 9.68 25.04
N ALA C 11 -25.59 10.73 25.86
CA ALA C 11 -25.69 10.61 27.31
C ALA C 11 -26.73 11.59 27.86
N VAL C 12 -27.32 11.23 29.00
CA VAL C 12 -28.35 12.04 29.68
C VAL C 12 -27.90 12.34 31.11
N ASP C 13 -27.52 13.60 31.37
CA ASP C 13 -26.81 13.98 32.60
C ASP C 13 -25.59 13.11 32.89
N GLY C 14 -24.91 12.61 31.86
CA GLY C 14 -23.75 11.76 32.06
C GLY C 14 -24.06 10.27 32.02
N GLU C 15 -25.34 9.91 32.01
CA GLU C 15 -25.73 8.50 31.91
C GLU C 15 -25.86 8.06 30.44
N PRO C 16 -25.17 6.97 30.04
CA PRO C 16 -25.32 6.55 28.65
C PRO C 16 -26.74 6.12 28.30
N LEU C 17 -27.25 6.61 27.19
CA LEU C 17 -28.61 6.33 26.72
C LEU C 17 -28.55 5.31 25.58
N GLY C 18 -27.74 5.61 24.55
CA GLY C 18 -27.54 4.71 23.42
C GLY C 18 -26.87 5.40 22.24
N ARG C 19 -26.74 4.67 21.13
CA ARG C 19 -25.97 5.10 19.98
C ARG C 19 -26.85 5.47 18.80
N VAL C 20 -26.55 6.59 18.16
CA VAL C 20 -27.20 6.95 16.89
C VAL C 20 -26.17 6.92 15.76
N SER C 21 -26.56 6.39 14.61
CA SER C 21 -25.67 6.40 13.47
C SER C 21 -26.32 7.07 12.25
N PHE C 22 -25.50 7.70 11.44
CA PHE C 22 -25.97 8.53 10.34
C PHE C 22 -25.27 8.14 9.05
N GLU C 23 -26.03 8.09 7.97
CA GLU C 23 -25.45 8.05 6.64
C GLU C 23 -25.28 9.49 6.20
N LEU C 24 -24.07 9.87 5.86
CA LEU C 24 -23.84 11.19 5.28
C LEU C 24 -23.89 11.09 3.74
N PHE C 25 -24.75 11.90 3.13
CA PHE C 25 -24.96 11.86 1.70
C PHE C 25 -23.88 12.65 0.96
N ALA C 26 -22.66 12.10 1.04
CA ALA C 26 -21.52 12.62 0.30
C ALA C 26 -21.82 12.67 -1.20
N ASP C 27 -22.65 11.77 -1.71
CA ASP C 27 -22.83 11.71 -3.16
C ASP C 27 -23.70 12.84 -3.67
N LYS C 28 -24.21 13.63 -2.73
CA LYS C 28 -25.04 14.77 -3.06
C LYS C 28 -24.54 16.11 -2.57
N VAL C 29 -24.04 16.16 -1.33
CA VAL C 29 -23.44 17.36 -0.76
C VAL C 29 -22.10 17.00 -0.08
N PRO C 30 -21.07 16.69 -0.87
CA PRO C 30 -19.81 16.24 -0.30
C PRO C 30 -19.10 17.23 0.64
N LYS C 31 -19.23 18.53 0.40
CA LYS C 31 -18.55 19.48 1.24
C LYS C 31 -19.23 19.54 2.61
N THR C 32 -20.56 19.47 2.59
CA THR C 32 -21.34 19.53 3.80
C THR C 32 -21.15 18.28 4.65
N ALA C 33 -21.18 17.11 4.00
CA ALA C 33 -21.02 15.85 4.66
C ALA C 33 -19.64 15.77 5.25
N GLU C 34 -18.65 16.21 4.50
CA GLU C 34 -17.28 16.12 4.99
C GLU C 34 -17.08 16.96 6.25
N ASN C 35 -17.64 18.17 6.28
CA ASN C 35 -17.60 18.96 7.50
C ASN C 35 -18.15 18.19 8.70
N PHE C 36 -19.35 17.65 8.55
CA PHE C 36 -19.95 16.86 9.64
C PHE C 36 -19.06 15.65 9.95
N ARG C 37 -18.51 15.02 8.93
CA ARG C 37 -17.70 13.83 9.18
C ARG C 37 -16.47 14.16 10.03
N ALA C 38 -15.75 15.22 9.64
CA ALA C 38 -14.52 15.62 10.30
C ALA C 38 -14.82 16.08 11.71
N LEU C 39 -15.95 16.73 11.89
CA LEU C 39 -16.29 17.24 13.22
C LEU C 39 -16.65 16.11 14.15
N SER C 40 -17.29 15.07 13.63
CA SER C 40 -17.57 13.86 14.39
C SER C 40 -16.33 13.07 14.78
N THR C 41 -15.24 13.16 14.02
CA THR C 41 -14.07 12.35 14.36
C THR C 41 -13.12 13.14 15.25
N GLY C 42 -13.28 14.45 15.29
CA GLY C 42 -12.37 15.32 16.02
C GLY C 42 -11.00 15.51 15.40
N GLU C 43 -10.85 15.12 14.11
CA GLU C 43 -9.51 14.98 13.51
C GLU C 43 -8.83 16.31 13.19
N LYS C 44 -9.58 17.41 13.15
CA LYS C 44 -8.98 18.74 12.94
C LYS C 44 -8.56 19.38 14.27
N GLY C 45 -8.81 18.67 15.37
CA GLY C 45 -8.45 19.15 16.70
C GLY C 45 -9.65 19.63 17.49
N PHE C 46 -10.83 19.51 16.92
CA PHE C 46 -12.06 20.03 17.53
C PHE C 46 -13.31 19.44 16.89
N GLY C 47 -14.46 19.67 17.50
CA GLY C 47 -15.68 19.11 16.95
C GLY C 47 -16.71 18.74 18.00
N TYR C 48 -17.47 17.70 17.70
CA TYR C 48 -18.73 17.44 18.38
C TYR C 48 -18.62 16.74 19.71
N LYS C 49 -17.53 16.00 19.96
CA LYS C 49 -17.36 15.32 21.25
C LYS C 49 -17.50 16.28 22.43
N GLY C 50 -18.37 15.94 23.38
CA GLY C 50 -18.68 16.79 24.52
C GLY C 50 -19.73 17.87 24.25
N SER C 51 -20.11 18.09 22.99
CA SER C 51 -21.14 19.07 22.69
C SER C 51 -22.49 18.54 23.20
N CYS C 52 -23.48 19.42 23.27
CA CYS C 52 -24.78 19.02 23.73
C CYS C 52 -25.88 19.46 22.76
N PHE C 53 -27.06 18.87 22.92
CA PHE C 53 -28.24 19.27 22.13
C PHE C 53 -29.01 20.27 22.98
N HIS C 54 -28.84 21.54 22.68
CA HIS C 54 -29.33 22.63 23.54
C HIS C 54 -30.77 23.06 23.25
N ARG C 55 -31.34 22.54 22.17
CA ARG C 55 -32.66 22.97 21.75
C ARG C 55 -33.38 21.79 21.14
N ILE C 56 -34.37 21.27 21.86
CA ILE C 56 -35.13 20.09 21.42
C ILE C 56 -36.63 20.37 21.52
N ILE C 57 -37.30 20.40 20.36
CA ILE C 57 -38.73 20.67 20.30
C ILE C 57 -39.47 19.38 19.85
N PRO C 58 -40.24 18.79 20.77
CA PRO C 58 -40.89 17.53 20.40
C PRO C 58 -41.80 17.70 19.19
N GLY C 59 -41.79 16.70 18.31
CA GLY C 59 -42.57 16.71 17.07
C GLY C 59 -41.87 17.45 15.94
N PHE C 60 -40.65 17.93 16.20
CA PHE C 60 -39.97 18.81 15.26
C PHE C 60 -38.54 18.33 15.08
N MET C 61 -37.64 18.75 15.95
CA MET C 61 -36.23 18.38 15.81
C MET C 61 -35.42 18.48 17.09
N CYS C 62 -34.26 17.80 17.06
CA CYS C 62 -33.21 17.97 18.02
C CYS C 62 -32.11 18.78 17.34
N GLN C 63 -31.77 19.94 17.93
CA GLN C 63 -30.66 20.78 17.44
C GLN C 63 -29.41 20.66 18.33
N GLY C 64 -28.25 20.47 17.70
CA GLY C 64 -26.96 20.40 18.41
C GLY C 64 -25.83 20.97 17.60
N GLY C 65 -24.59 20.78 18.03
CA GLY C 65 -23.41 21.11 17.25
C GLY C 65 -22.68 22.40 17.58
N ASN C 66 -23.08 23.07 18.65
CA ASN C 66 -22.45 24.30 19.04
C ASN C 66 -21.27 23.99 19.98
N PHE C 67 -20.16 24.70 19.81
CA PHE C 67 -19.06 24.68 20.77
C PHE C 67 -18.38 26.07 20.84
N THR C 68 -17.50 26.29 21.82
CA THR C 68 -16.91 27.62 22.00
C THR C 68 -15.83 28.00 20.95
N GLY C 72 -15.52 34.95 17.02
CA GLY C 72 -16.94 34.77 16.81
C GLY C 72 -17.67 33.89 17.84
N THR C 73 -18.78 33.25 17.41
CA THR C 73 -19.67 32.43 18.26
C THR C 73 -20.51 31.50 17.38
N GLY C 74 -21.28 30.60 18.01
CA GLY C 74 -22.18 29.68 17.29
C GLY C 74 -21.53 28.40 16.75
N GLY C 75 -20.21 28.28 16.89
CA GLY C 75 -19.41 27.19 16.28
C GLY C 75 -18.76 27.56 14.94
N LYS C 76 -17.78 26.74 14.52
CA LYS C 76 -17.13 26.90 13.23
C LYS C 76 -17.08 25.60 12.45
N SER C 77 -16.92 25.72 11.13
CA SER C 77 -16.80 24.57 10.27
C SER C 77 -15.33 24.27 10.09
N ILE C 78 -15.04 23.15 9.44
CA ILE C 78 -13.66 22.84 9.15
C ILE C 78 -13.10 23.74 8.04
N TYR C 79 -13.96 24.49 7.33
CA TYR C 79 -13.52 25.42 6.26
C TYR C 79 -13.44 26.89 6.69
N GLY C 80 -13.83 27.21 7.92
CA GLY C 80 -13.76 28.57 8.43
C GLY C 80 -14.93 28.94 9.33
N GLU C 81 -15.09 30.24 9.64
CA GLU C 81 -16.24 30.66 10.41
C GLU C 81 -17.54 30.28 9.71
N LYS C 82 -17.56 30.22 8.38
CA LYS C 82 -18.78 29.81 7.70
C LYS C 82 -18.54 29.36 6.26
N PHE C 83 -19.48 28.60 5.74
CA PHE C 83 -19.43 28.22 4.34
C PHE C 83 -20.79 28.17 3.68
N GLU C 84 -20.74 28.12 2.37
CA GLU C 84 -21.91 28.34 1.52
C GLU C 84 -22.90 27.20 1.61
N ASP C 85 -24.17 27.54 1.43
CA ASP C 85 -25.17 26.52 1.16
C ASP C 85 -24.72 25.79 -0.10
N GLU C 86 -24.41 24.52 0.03
CA GLU C 86 -23.80 23.78 -1.08
C GLU C 86 -24.79 23.57 -2.26
N ASN C 87 -25.94 22.97 -1.98
CA ASN C 87 -27.04 22.89 -2.92
C ASN C 87 -28.31 22.56 -2.11
N PHE C 88 -29.50 22.51 -2.72
CA PHE C 88 -30.73 22.11 -1.99
C PHE C 88 -31.42 20.94 -2.72
N ILE C 89 -30.61 19.98 -3.15
CA ILE C 89 -31.11 18.85 -3.90
C ILE C 89 -32.04 18.02 -3.00
N LEU C 90 -31.56 17.75 -1.80
CA LEU C 90 -32.25 16.90 -0.84
C LEU C 90 -33.24 17.69 -0.01
N LYS C 91 -34.44 17.14 0.15
CA LYS C 91 -35.54 17.75 0.90
C LYS C 91 -35.65 17.10 2.29
N HIS C 92 -36.34 17.84 3.17
CA HIS C 92 -36.68 17.39 4.51
C HIS C 92 -37.88 16.45 4.43
N THR C 93 -37.64 15.16 4.29
CA THR C 93 -38.72 14.26 3.87
C THR C 93 -39.33 13.46 5.01
N GLY C 94 -38.69 13.43 6.16
CA GLY C 94 -39.25 12.71 7.29
C GLY C 94 -38.37 12.69 8.51
N PRO C 95 -38.82 11.97 9.55
CA PRO C 95 -38.01 11.72 10.74
C PRO C 95 -36.67 11.14 10.35
N GLY C 96 -35.61 11.54 11.03
CA GLY C 96 -34.26 11.01 10.78
C GLY C 96 -33.35 11.94 10.00
N ILE C 97 -33.93 12.77 9.13
CA ILE C 97 -33.17 13.71 8.31
C ILE C 97 -32.25 14.61 9.13
N LEU C 98 -31.00 14.62 8.69
CA LEU C 98 -29.94 15.39 9.31
C LEU C 98 -29.71 16.59 8.35
N SER C 99 -29.86 17.80 8.86
CA SER C 99 -29.84 19.03 8.05
C SER C 99 -29.10 20.15 8.80
N MET C 100 -28.60 21.17 8.09
CA MET C 100 -27.79 22.24 8.71
C MET C 100 -28.64 23.37 9.27
N ALA C 101 -28.38 23.74 10.51
CA ALA C 101 -28.91 24.93 11.07
C ALA C 101 -28.11 26.07 10.49
N ASN C 102 -28.70 27.27 10.45
CA ASN C 102 -27.97 28.45 9.98
C ASN C 102 -28.52 29.77 10.54
N ALA C 103 -27.91 30.89 10.12
CA ALA C 103 -28.38 32.22 10.50
C ALA C 103 -28.66 33.04 9.23
N GLY C 104 -29.38 32.42 8.30
CA GLY C 104 -29.64 32.98 6.98
C GLY C 104 -28.76 32.33 5.94
N PRO C 105 -28.83 32.82 4.69
CA PRO C 105 -28.10 32.17 3.59
C PRO C 105 -26.60 32.17 3.81
N ASN C 106 -25.93 31.10 3.37
CA ASN C 106 -24.50 30.99 3.37
C ASN C 106 -23.84 31.26 4.72
N THR C 107 -24.37 30.63 5.77
CA THR C 107 -23.88 30.85 7.11
C THR C 107 -23.75 29.52 7.87
N ASN C 108 -23.57 28.42 7.14
CA ASN C 108 -23.38 27.14 7.79
C ASN C 108 -22.08 27.12 8.57
N GLY C 109 -22.09 26.42 9.70
CA GLY C 109 -20.92 26.31 10.53
C GLY C 109 -20.80 24.91 11.05
N SER C 110 -21.23 24.70 12.27
CA SER C 110 -21.25 23.35 12.83
C SER C 110 -22.64 22.92 13.31
N GLN C 111 -23.58 23.85 13.45
CA GLN C 111 -24.85 23.47 14.04
C GLN C 111 -25.70 22.69 13.04
N PHE C 112 -26.37 21.65 13.55
CA PHE C 112 -27.23 20.78 12.75
C PHE C 112 -28.51 20.43 13.51
N PHE C 113 -29.45 19.83 12.84
CA PHE C 113 -30.58 19.26 13.54
C PHE C 113 -30.93 17.90 12.98
N ILE C 114 -31.58 17.08 13.81
CA ILE C 114 -32.08 15.77 13.45
C ILE C 114 -33.59 15.87 13.53
N CYS C 115 -34.24 15.83 12.38
CA CYS C 115 -35.71 15.93 12.31
C CYS C 115 -36.39 14.78 13.04
N THR C 116 -37.51 15.10 13.70
CA THR C 116 -38.38 14.06 14.24
C THR C 116 -39.73 14.07 13.53
N ALA C 117 -39.80 14.75 12.41
CA ALA C 117 -40.97 14.68 11.55
C ALA C 117 -40.55 15.24 10.20
N LYS C 118 -41.48 15.25 9.25
CA LYS C 118 -41.30 15.89 7.96
C LYS C 118 -41.37 17.42 8.15
N THR C 119 -40.29 18.12 7.82
CA THR C 119 -40.24 19.59 8.02
C THR C 119 -40.13 20.30 6.66
N GLU C 120 -41.17 20.16 5.86
CA GLU C 120 -41.15 20.58 4.47
C GLU C 120 -40.92 22.08 4.32
N TRP C 121 -41.40 22.85 5.29
CA TRP C 121 -41.32 24.32 5.24
C TRP C 121 -39.87 24.85 5.30
N LEU C 122 -38.91 23.97 5.58
CA LEU C 122 -37.52 24.36 5.60
C LEU C 122 -36.80 24.01 4.30
N ASP C 123 -37.49 23.36 3.35
CA ASP C 123 -36.85 23.02 2.05
C ASP C 123 -36.36 24.29 1.36
N GLY C 124 -35.13 24.26 0.83
CA GLY C 124 -34.57 25.38 0.12
C GLY C 124 -33.98 26.42 1.03
N LYS C 125 -34.00 26.19 2.33
CA LYS C 125 -33.40 27.15 3.22
C LYS C 125 -32.36 26.51 4.12
N HIS C 126 -32.41 25.19 4.27
CA HIS C 126 -31.43 24.46 5.05
C HIS C 126 -30.94 23.27 4.26
N VAL C 127 -29.62 23.06 4.26
CA VAL C 127 -28.99 22.01 3.46
C VAL C 127 -29.12 20.65 4.14
N VAL C 128 -29.96 19.80 3.56
CA VAL C 128 -30.08 18.43 4.00
C VAL C 128 -28.86 17.66 3.51
N PHE C 129 -28.23 16.93 4.42
CA PHE C 129 -26.99 16.24 4.09
C PHE C 129 -26.81 14.84 4.65
N GLY C 130 -27.77 14.31 5.40
CA GLY C 130 -27.66 12.91 5.86
C GLY C 130 -28.95 12.35 6.48
N LYS C 131 -28.87 11.16 7.02
CA LYS C 131 -30.05 10.55 7.60
C LYS C 131 -29.72 9.52 8.69
N VAL C 132 -30.48 9.53 9.78
CA VAL C 132 -30.28 8.55 10.81
C VAL C 132 -30.49 7.17 10.21
N LYS C 133 -29.57 6.27 10.53
CA LYS C 133 -29.52 4.93 9.98
C LYS C 133 -29.96 3.95 11.08
N GLU C 134 -29.21 3.90 12.17
CA GLU C 134 -29.58 3.11 13.35
C GLU C 134 -29.70 4.01 14.56
N GLY C 135 -30.56 3.60 15.49
CA GLY C 135 -30.77 4.34 16.71
C GLY C 135 -31.82 5.41 16.63
N MET C 136 -32.79 5.28 15.73
CA MET C 136 -33.84 6.27 15.68
C MET C 136 -34.61 6.24 17.01
N ASN C 137 -34.69 5.06 17.63
CA ASN C 137 -35.26 4.93 18.98
C ASN C 137 -34.48 5.72 20.04
N ILE C 138 -33.18 5.90 19.86
CA ILE C 138 -32.40 6.78 20.76
C ILE C 138 -32.73 8.26 20.52
N VAL C 139 -32.97 8.64 19.26
CA VAL C 139 -33.43 10.00 18.97
C VAL C 139 -34.83 10.26 19.57
N GLU C 140 -35.72 9.29 19.49
CA GLU C 140 -37.07 9.46 20.04
C GLU C 140 -37.05 9.61 21.57
N ALA C 141 -36.10 8.93 22.22
CA ALA C 141 -35.89 9.07 23.66
C ALA C 141 -35.28 10.45 24.03
N MET C 142 -34.29 10.91 23.27
CA MET C 142 -33.78 12.27 23.47
C MET C 142 -34.91 13.29 23.42
N GLU C 143 -35.78 13.11 22.42
CA GLU C 143 -36.87 14.04 22.12
C GLU C 143 -37.75 14.32 23.33
N ARG C 144 -37.95 13.33 24.19
CA ARG C 144 -38.80 13.51 25.37
C ARG C 144 -38.18 14.43 26.42
N PHE C 145 -36.91 14.78 26.28
CA PHE C 145 -36.28 15.70 27.23
C PHE C 145 -36.42 17.16 26.83
N GLY C 146 -37.16 17.42 25.76
CA GLY C 146 -37.33 18.78 25.25
C GLY C 146 -38.59 19.41 25.75
N SER C 147 -38.98 20.53 25.13
CA SER C 147 -40.21 21.25 25.45
C SER C 147 -40.60 22.15 24.27
N ARG C 148 -41.71 22.87 24.38
CA ARG C 148 -42.21 23.66 23.25
C ARG C 148 -41.26 24.77 22.84
N ASN C 149 -40.59 25.39 23.82
CA ASN C 149 -39.57 26.41 23.54
C ASN C 149 -38.14 25.85 23.36
N GLY C 150 -37.95 24.54 23.48
CA GLY C 150 -36.65 23.92 23.17
C GLY C 150 -35.73 23.65 24.34
N LYS C 151 -36.02 24.27 25.48
CA LYS C 151 -35.29 24.06 26.72
C LYS C 151 -35.38 22.59 27.07
N THR C 152 -34.24 22.00 27.41
CA THR C 152 -34.18 20.58 27.71
C THR C 152 -34.14 20.40 29.24
N SER C 153 -34.87 19.42 29.77
CA SER C 153 -35.04 19.25 31.23
C SER C 153 -33.91 18.43 31.86
N LYS C 154 -33.14 17.77 31.02
CA LYS C 154 -31.86 17.20 31.37
C LYS C 154 -30.84 17.57 30.29
N LYS C 155 -29.56 17.44 30.62
CA LYS C 155 -28.49 17.85 29.71
C LYS C 155 -28.12 16.72 28.73
N ILE C 156 -28.48 16.89 27.47
CA ILE C 156 -28.27 15.85 26.46
C ILE C 156 -26.95 16.06 25.70
N THR C 157 -25.97 15.21 25.96
CA THR C 157 -24.63 15.38 25.40
C THR C 157 -24.24 14.28 24.44
N ILE C 158 -23.33 14.61 23.53
CA ILE C 158 -22.64 13.62 22.69
C ILE C 158 -21.44 13.20 23.49
N ALA C 159 -21.52 12.05 24.14
CA ALA C 159 -20.45 11.58 25.05
C ALA C 159 -19.24 11.13 24.24
N ASP C 160 -19.50 10.67 23.02
CA ASP C 160 -18.46 10.17 22.15
C ASP C 160 -19.03 10.11 20.74
N CYS C 161 -18.14 10.06 19.75
CA CYS C 161 -18.52 10.07 18.36
C CYS C 161 -17.31 9.82 17.47
N GLY C 162 -17.56 9.41 16.24
CA GLY C 162 -16.48 9.00 15.34
C GLY C 162 -17.10 8.45 14.07
N GLN C 163 -16.30 7.70 13.32
CA GLN C 163 -16.71 7.15 12.02
C GLN C 163 -16.70 5.63 12.05
N LEU C 164 -17.70 5.00 11.45
CA LEU C 164 -17.84 3.53 11.48
C LEU C 164 -17.21 2.82 10.27
N VAL D 2 49.30 4.40 12.20
CA VAL D 2 48.53 5.65 11.96
C VAL D 2 47.02 5.38 11.97
N ASN D 3 46.31 5.92 12.96
CA ASN D 3 44.90 5.57 13.15
C ASN D 3 44.02 6.12 12.04
N PRO D 4 43.21 5.25 11.41
CA PRO D 4 42.39 5.73 10.29
C PRO D 4 41.24 6.63 10.76
N THR D 5 40.77 7.48 9.83
CA THR D 5 39.63 8.35 10.05
C THR D 5 38.52 7.97 9.08
N VAL D 6 37.30 7.79 9.61
CA VAL D 6 36.13 7.55 8.77
C VAL D 6 35.05 8.59 9.03
N PHE D 7 34.04 8.58 8.18
CA PHE D 7 32.97 9.56 8.23
C PHE D 7 31.61 8.95 7.88
N PHE D 8 30.58 9.44 8.57
CA PHE D 8 29.18 9.26 8.15
C PHE D 8 28.57 10.63 7.82
N ASP D 9 27.82 10.67 6.71
CA ASP D 9 26.93 11.77 6.41
C ASP D 9 25.52 11.34 6.82
N ILE D 10 24.94 12.03 7.78
CA ILE D 10 23.67 11.61 8.38
C ILE D 10 22.49 12.30 7.72
N ALA D 11 21.37 11.58 7.69
CA ALA D 11 20.13 12.08 7.09
C ALA D 11 18.97 11.89 8.05
N VAL D 12 18.02 12.82 8.00
CA VAL D 12 16.79 12.78 8.79
C VAL D 12 15.60 12.73 7.83
N ASP D 13 14.81 11.65 7.90
CA ASP D 13 13.80 11.33 6.90
C ASP D 13 14.24 11.59 5.46
N GLY D 14 15.54 11.44 5.20
CA GLY D 14 16.09 11.66 3.85
C GLY D 14 16.78 13.00 3.62
N GLU D 15 16.70 13.92 4.58
CA GLU D 15 17.26 15.27 4.41
C GLU D 15 18.62 15.35 5.10
N PRO D 16 19.70 15.72 4.35
CA PRO D 16 21.03 15.89 4.90
C PRO D 16 21.06 16.74 6.18
N LEU D 17 21.70 16.20 7.21
CA LEU D 17 21.83 16.86 8.49
C LEU D 17 23.27 17.33 8.64
N GLY D 18 24.22 16.41 8.51
CA GLY D 18 25.65 16.75 8.58
C GLY D 18 26.59 15.58 8.71
N ARG D 19 27.88 15.88 8.60
CA ARG D 19 28.95 14.89 8.64
C ARG D 19 29.41 14.65 10.08
N VAL D 20 29.63 13.40 10.44
CA VAL D 20 30.27 13.05 11.73
C VAL D 20 31.52 12.28 11.34
N SER D 21 32.67 12.61 11.93
CA SER D 21 33.90 11.86 11.63
C SER D 21 34.53 11.29 12.89
N PHE D 22 35.21 10.15 12.74
CA PHE D 22 35.73 9.40 13.89
C PHE D 22 37.20 8.98 13.68
N GLU D 23 37.97 8.99 14.76
CA GLU D 23 39.26 8.32 14.83
C GLU D 23 38.98 6.91 15.31
N LEU D 24 39.53 5.92 14.61
CA LEU D 24 39.45 4.52 15.01
C LEU D 24 40.78 4.13 15.63
N PHE D 25 40.74 3.62 16.85
CA PHE D 25 41.94 3.39 17.60
C PHE D 25 42.57 2.06 17.22
N ALA D 26 43.10 2.02 16.01
CA ALA D 26 43.77 0.86 15.46
C ALA D 26 45.02 0.52 16.25
N ASP D 27 45.60 1.50 16.92
CA ASP D 27 46.81 1.27 17.73
C ASP D 27 46.53 0.51 19.05
N LYS D 28 45.26 0.25 19.33
CA LYS D 28 44.86 -0.45 20.53
C LYS D 28 43.90 -1.66 20.32
N VAL D 29 43.09 -1.60 19.28
CA VAL D 29 42.16 -2.66 18.95
C VAL D 29 42.08 -2.70 17.42
N PRO D 30 43.20 -3.11 16.77
CA PRO D 30 43.28 -3.03 15.32
C PRO D 30 42.25 -3.88 14.59
N LYS D 31 41.78 -4.95 15.21
CA LYS D 31 40.86 -5.84 14.55
C LYS D 31 39.46 -5.28 14.60
N THR D 32 39.11 -4.69 15.73
CA THR D 32 37.79 -4.07 15.88
C THR D 32 37.68 -2.81 15.01
N ALA D 33 38.77 -2.03 14.99
CA ALA D 33 38.90 -0.85 14.14
C ALA D 33 38.72 -1.19 12.67
N GLU D 34 39.39 -2.25 12.22
CA GLU D 34 39.37 -2.62 10.81
C GLU D 34 37.98 -3.06 10.34
N ASN D 35 37.25 -3.78 11.20
CA ASN D 35 35.86 -4.14 10.90
C ASN D 35 35.05 -2.89 10.59
N PHE D 36 35.12 -1.93 11.50
CA PHE D 36 34.37 -0.67 11.36
C PHE D 36 34.78 0.15 10.12
N ARG D 37 36.09 0.20 9.87
CA ARG D 37 36.62 0.85 8.68
C ARG D 37 36.09 0.11 7.43
N ALA D 38 36.24 -1.21 7.38
CA ALA D 38 35.81 -1.95 6.20
C ALA D 38 34.31 -1.81 5.96
N LEU D 39 33.53 -1.90 7.03
CA LEU D 39 32.08 -1.68 6.93
C LEU D 39 31.75 -0.26 6.43
N SER D 40 32.60 0.71 6.75
CA SER D 40 32.35 2.09 6.39
C SER D 40 32.69 2.41 4.95
N THR D 41 33.62 1.67 4.35
CA THR D 41 33.97 1.92 2.94
C THR D 41 33.11 1.06 2.01
N GLY D 42 32.46 0.03 2.57
CA GLY D 42 31.72 -0.93 1.78
C GLY D 42 32.62 -1.84 0.94
N GLU D 43 33.92 -1.87 1.21
CA GLU D 43 34.85 -2.53 0.29
C GLU D 43 34.66 -4.05 0.16
N LYS D 44 34.10 -4.71 1.17
CA LYS D 44 33.82 -6.17 1.05
C LYS D 44 32.49 -6.47 0.34
N GLY D 45 31.82 -5.43 -0.15
CA GLY D 45 30.55 -5.61 -0.86
C GLY D 45 29.33 -5.35 0.01
N PHE D 46 29.54 -5.02 1.28
CA PHE D 46 28.45 -4.65 2.17
C PHE D 46 28.95 -3.69 3.25
N GLY D 47 28.02 -3.11 3.99
CA GLY D 47 28.40 -2.18 5.02
C GLY D 47 27.28 -1.29 5.51
N TYR D 48 27.69 -0.21 6.18
CA TYR D 48 26.75 0.70 6.84
C TYR D 48 25.96 1.62 5.87
N LYS D 49 26.47 1.87 4.66
CA LYS D 49 25.76 2.77 3.76
C LYS D 49 24.28 2.37 3.65
N GLY D 50 23.36 3.31 3.89
CA GLY D 50 21.93 3.02 3.91
C GLY D 50 21.38 2.50 5.23
N SER D 51 22.24 2.27 6.20
CA SER D 51 21.84 1.72 7.49
C SER D 51 21.27 2.81 8.40
N CYS D 52 20.47 2.42 9.38
CA CYS D 52 19.87 3.40 10.28
C CYS D 52 20.32 3.31 11.74
N PHE D 53 20.01 4.37 12.49
CA PHE D 53 20.17 4.40 13.95
C PHE D 53 18.84 4.09 14.59
N HIS D 54 18.64 2.80 14.90
CA HIS D 54 17.31 2.28 15.21
C HIS D 54 16.93 2.50 16.67
N ARG D 55 17.92 2.85 17.48
CA ARG D 55 17.73 3.00 18.91
C ARG D 55 18.62 4.12 19.39
N ILE D 56 17.99 5.18 19.88
CA ILE D 56 18.66 6.39 20.38
C ILE D 56 17.97 6.82 21.68
N ILE D 57 18.74 6.79 22.78
CA ILE D 57 18.26 7.15 24.11
C ILE D 57 18.97 8.43 24.57
N PRO D 58 18.27 9.57 24.52
CA PRO D 58 18.82 10.84 24.99
C PRO D 58 19.49 10.74 26.36
N GLY D 59 20.68 11.33 26.49
CA GLY D 59 21.50 11.25 27.70
C GLY D 59 22.35 9.97 27.82
N PHE D 60 22.43 9.17 26.76
CA PHE D 60 23.10 7.84 26.83
C PHE D 60 23.91 7.57 25.55
N MET D 61 23.24 7.17 24.48
CA MET D 61 23.94 6.83 23.24
C MET D 61 23.03 6.73 22.03
N CYS D 62 23.68 6.64 20.87
CA CYS D 62 23.05 6.39 19.58
C CYS D 62 23.53 5.05 19.06
N GLN D 63 22.61 4.11 18.85
CA GLN D 63 22.98 2.77 18.42
C GLN D 63 22.54 2.60 17.00
N GLY D 64 23.40 1.98 16.20
CA GLY D 64 23.08 1.60 14.82
C GLY D 64 24.00 0.49 14.38
N GLY D 65 24.12 0.30 13.07
CA GLY D 65 25.03 -0.69 12.49
C GLY D 65 24.39 -1.99 12.03
N ASN D 66 23.06 -2.09 12.09
CA ASN D 66 22.36 -3.31 11.70
C ASN D 66 21.88 -3.27 10.24
N PHE D 67 22.00 -4.40 9.54
CA PHE D 67 21.41 -4.59 8.20
C PHE D 67 21.06 -6.09 8.07
N THR D 68 20.12 -6.43 7.18
CA THR D 68 19.49 -7.77 7.23
C THR D 68 20.37 -8.97 6.78
N THR D 73 20.52 -12.41 10.95
CA THR D 73 19.93 -11.26 11.66
C THR D 73 20.87 -10.73 12.74
N GLY D 74 20.85 -9.42 12.96
CA GLY D 74 21.78 -8.73 13.87
C GLY D 74 22.88 -7.97 13.14
N GLY D 75 23.27 -8.48 11.96
CA GLY D 75 24.31 -7.88 11.12
C GLY D 75 25.59 -8.71 11.21
N LYS D 76 26.51 -8.50 10.27
CA LYS D 76 27.73 -9.31 10.22
C LYS D 76 28.99 -8.46 10.17
N SER D 77 30.09 -9.07 10.60
CA SER D 77 31.42 -8.45 10.58
C SER D 77 32.13 -8.93 9.33
N ILE D 78 33.27 -8.33 9.04
CA ILE D 78 34.06 -8.74 7.86
C ILE D 78 34.77 -10.07 8.09
N TYR D 79 34.79 -10.55 9.34
CA TYR D 79 35.42 -11.82 9.72
C TYR D 79 34.44 -13.01 9.84
N GLY D 80 33.14 -12.76 9.74
CA GLY D 80 32.13 -13.81 9.88
C GLY D 80 30.93 -13.38 10.71
N GLU D 81 30.09 -14.34 11.10
CA GLU D 81 28.87 -14.01 11.85
C GLU D 81 29.15 -13.28 13.17
N LYS D 82 30.33 -13.48 13.74
CA LYS D 82 30.73 -12.79 14.98
C LYS D 82 32.22 -12.95 15.20
N PHE D 83 32.79 -12.08 16.01
CA PHE D 83 34.19 -12.22 16.41
C PHE D 83 34.37 -11.87 17.88
N GLU D 84 35.53 -12.25 18.44
CA GLU D 84 35.77 -12.19 19.90
C GLU D 84 35.99 -10.77 20.34
N ASP D 85 35.69 -10.48 21.61
CA ASP D 85 36.11 -9.23 22.22
C ASP D 85 37.62 -9.19 22.15
N GLU D 86 38.20 -8.19 21.50
CA GLU D 86 39.64 -8.12 21.26
C GLU D 86 40.44 -7.78 22.54
N ASN D 87 39.98 -6.77 23.27
CA ASN D 87 40.50 -6.44 24.60
C ASN D 87 39.61 -5.34 25.21
N PHE D 88 39.85 -4.97 26.45
CA PHE D 88 39.09 -3.90 27.07
C PHE D 88 40.04 -2.80 27.59
N ILE D 89 41.14 -2.59 26.88
CA ILE D 89 42.12 -1.58 27.23
C ILE D 89 41.49 -0.23 27.43
N LEU D 90 40.67 0.19 26.48
CA LEU D 90 40.09 1.51 26.50
C LEU D 90 38.75 1.51 27.22
N LYS D 91 38.43 2.65 27.87
CA LYS D 91 37.20 2.78 28.66
C LYS D 91 36.18 3.76 28.02
N HIS D 92 34.94 3.67 28.50
CA HIS D 92 33.86 4.58 28.11
C HIS D 92 34.02 5.88 28.90
N THR D 93 34.83 6.79 28.35
CA THR D 93 35.35 7.91 29.12
C THR D 93 34.55 9.18 28.97
N GLY D 94 33.74 9.26 27.93
CA GLY D 94 32.88 10.41 27.77
C GLY D 94 32.08 10.45 26.48
N PRO D 95 31.41 11.58 26.25
CA PRO D 95 30.72 11.73 24.97
C PRO D 95 31.70 11.61 23.81
N GLY D 96 31.27 10.93 22.75
CA GLY D 96 32.06 10.77 21.52
C GLY D 96 32.59 9.37 21.34
N ILE D 97 32.75 8.65 22.44
CA ILE D 97 33.23 7.27 22.40
C ILE D 97 32.41 6.35 21.51
N LEU D 98 33.13 5.60 20.68
CA LEU D 98 32.56 4.63 19.76
C LEU D 98 32.94 3.26 20.28
N SER D 99 31.96 2.37 20.32
CA SER D 99 32.03 1.13 21.10
C SER D 99 31.06 0.12 20.51
N MET D 100 31.37 -1.17 20.63
CA MET D 100 30.56 -2.20 19.97
C MET D 100 29.41 -2.61 20.86
N ALA D 101 28.23 -2.75 20.26
CA ALA D 101 27.13 -3.44 20.93
C ALA D 101 27.45 -4.92 20.81
N ASN D 102 26.73 -5.76 21.54
CA ASN D 102 26.92 -7.18 21.43
C ASN D 102 25.74 -7.92 22.03
N ALA D 103 25.79 -9.24 22.09
CA ALA D 103 24.73 -10.03 22.72
C ALA D 103 25.38 -10.91 23.75
N GLY D 104 26.33 -10.33 24.47
CA GLY D 104 27.12 -11.09 25.43
C GLY D 104 28.54 -11.25 24.93
N PRO D 105 29.35 -11.99 25.71
CA PRO D 105 30.76 -12.18 25.40
C PRO D 105 31.01 -12.69 23.99
N ASN D 106 31.98 -12.07 23.33
CA ASN D 106 32.49 -12.53 22.04
C ASN D 106 31.39 -12.73 21.01
N THR D 107 30.52 -11.73 20.90
CA THR D 107 29.45 -11.76 19.91
C THR D 107 29.41 -10.46 19.08
N ASN D 108 30.52 -9.77 18.95
CA ASN D 108 30.60 -8.59 18.11
C ASN D 108 30.32 -8.92 16.67
N GLY D 109 29.62 -8.00 16.00
CA GLY D 109 29.34 -8.13 14.57
C GLY D 109 29.56 -6.78 13.91
N SER D 110 28.46 -6.05 13.71
CA SER D 110 28.52 -4.74 13.06
C SER D 110 27.82 -3.64 13.87
N GLN D 111 26.95 -4.02 14.81
CA GLN D 111 26.25 -3.01 15.59
C GLN D 111 27.23 -2.33 16.54
N PHE D 112 27.12 -1.01 16.62
CA PHE D 112 28.01 -0.17 17.40
C PHE D 112 27.15 0.92 18.03
N PHE D 113 27.76 1.74 18.88
CA PHE D 113 27.06 2.90 19.41
C PHE D 113 27.99 4.06 19.69
N ILE D 114 27.40 5.26 19.67
CA ILE D 114 28.11 6.49 19.97
C ILE D 114 27.58 7.01 21.30
N CYS D 115 28.47 7.15 22.27
CA CYS D 115 28.11 7.66 23.58
C CYS D 115 27.83 9.14 23.49
N THR D 116 26.79 9.60 24.17
CA THR D 116 26.55 11.03 24.36
C THR D 116 26.79 11.44 25.83
N ALA D 117 27.20 10.48 26.66
CA ALA D 117 27.69 10.72 28.02
C ALA D 117 28.75 9.64 28.36
N LYS D 118 29.46 9.83 29.46
CA LYS D 118 30.37 8.82 30.01
C LYS D 118 29.54 7.63 30.45
N THR D 119 29.84 6.45 29.91
CA THR D 119 29.04 5.27 30.21
C THR D 119 29.91 4.21 30.85
N GLU D 120 30.30 4.47 32.09
CA GLU D 120 31.31 3.71 32.82
C GLU D 120 30.88 2.30 33.18
N TRP D 121 29.58 2.10 33.40
CA TRP D 121 29.01 0.81 33.75
C TRP D 121 29.12 -0.23 32.65
N LEU D 122 29.58 0.17 31.47
CA LEU D 122 29.78 -0.76 30.36
C LEU D 122 31.24 -1.12 30.16
N ASP D 123 32.16 -0.46 30.86
CA ASP D 123 33.57 -0.92 30.84
C ASP D 123 33.70 -2.42 31.11
N GLY D 124 34.53 -3.11 30.34
CA GLY D 124 34.76 -4.53 30.54
C GLY D 124 33.80 -5.46 29.81
N LYS D 125 32.68 -4.92 29.31
CA LYS D 125 31.69 -5.72 28.57
C LYS D 125 31.54 -5.33 27.09
N HIS D 126 31.97 -4.13 26.72
CA HIS D 126 31.84 -3.64 25.37
C HIS D 126 33.18 -3.06 24.94
N VAL D 127 33.63 -3.41 23.74
CA VAL D 127 34.97 -2.99 23.26
C VAL D 127 34.95 -1.57 22.69
N VAL D 128 35.69 -0.68 23.34
CA VAL D 128 35.82 0.69 22.85
C VAL D 128 36.87 0.71 21.75
N PHE D 129 36.53 1.30 20.60
CA PHE D 129 37.45 1.27 19.46
C PHE D 129 37.61 2.56 18.68
N GLY D 130 37.06 3.66 19.19
CA GLY D 130 37.17 4.90 18.49
C GLY D 130 36.46 6.05 19.16
N LYS D 131 36.61 7.24 18.58
CA LYS D 131 36.01 8.45 19.11
C LYS D 131 35.63 9.43 18.01
N VAL D 132 34.57 10.19 18.25
CA VAL D 132 34.17 11.23 17.33
C VAL D 132 35.28 12.28 17.29
N LYS D 133 35.68 12.62 16.06
CA LYS D 133 36.74 13.59 15.79
C LYS D 133 36.04 14.93 15.53
N GLU D 134 35.20 14.95 14.51
CA GLU D 134 34.38 16.12 14.19
C GLU D 134 32.91 15.75 14.07
N GLY D 135 32.05 16.75 14.19
CA GLY D 135 30.64 16.57 13.98
C GLY D 135 29.88 16.13 15.22
N MET D 136 30.47 16.34 16.39
CA MET D 136 29.78 16.00 17.62
C MET D 136 28.43 16.75 17.68
N ASN D 137 28.41 18.02 17.30
CA ASN D 137 27.15 18.76 17.20
C ASN D 137 26.09 18.00 16.39
N ILE D 138 26.52 17.27 15.37
CA ILE D 138 25.59 16.46 14.56
C ILE D 138 25.04 15.30 15.39
N VAL D 139 25.91 14.63 16.16
CA VAL D 139 25.45 13.60 17.11
C VAL D 139 24.46 14.18 18.13
N GLU D 140 24.79 15.34 18.70
CA GLU D 140 23.91 16.01 19.66
C GLU D 140 22.52 16.28 19.09
N ALA D 141 22.46 16.51 17.77
CA ALA D 141 21.20 16.82 17.06
C ALA D 141 20.40 15.56 16.77
N MET D 142 21.10 14.52 16.35
CA MET D 142 20.52 13.19 16.23
C MET D 142 19.86 12.81 17.54
N GLU D 143 20.60 13.03 18.63
CA GLU D 143 20.19 12.64 19.98
C GLU D 143 18.76 13.07 20.30
N ARG D 144 18.38 14.29 19.89
CA ARG D 144 17.04 14.83 20.18
C ARG D 144 15.87 14.12 19.47
N PHE D 145 16.16 13.30 18.46
CA PHE D 145 15.13 12.47 17.80
C PHE D 145 14.84 11.15 18.53
N GLY D 146 15.59 10.86 19.59
CA GLY D 146 15.36 9.68 20.39
C GLY D 146 14.36 9.87 21.50
N SER D 147 14.04 8.79 22.19
CA SER D 147 13.20 8.82 23.39
C SER D 147 13.80 7.90 24.45
N ARG D 148 13.16 7.79 25.61
CA ARG D 148 13.68 6.98 26.70
C ARG D 148 13.72 5.49 26.38
N ASN D 149 12.76 4.99 25.61
CA ASN D 149 12.76 3.58 25.20
C ASN D 149 13.49 3.30 23.87
N GLY D 150 14.20 4.29 23.32
CA GLY D 150 14.99 4.10 22.09
C GLY D 150 14.32 4.48 20.77
N LYS D 151 13.01 4.27 20.66
CA LYS D 151 12.27 4.58 19.45
C LYS D 151 12.57 6.00 18.95
N THR D 152 12.87 6.13 17.67
CA THR D 152 13.18 7.43 17.07
C THR D 152 11.93 8.02 16.41
N SER D 153 11.78 9.34 16.48
CA SER D 153 10.60 10.04 15.94
C SER D 153 10.70 10.29 14.43
N LYS D 154 11.93 10.40 13.92
CA LYS D 154 12.20 10.45 12.49
C LYS D 154 13.28 9.43 12.14
N LYS D 155 13.29 8.99 10.88
CA LYS D 155 14.21 7.94 10.46
C LYS D 155 15.61 8.50 10.25
N ILE D 156 16.52 8.14 11.14
CA ILE D 156 17.91 8.61 11.11
C ILE D 156 18.76 7.60 10.34
N THR D 157 19.34 8.02 9.22
CA THR D 157 20.15 7.10 8.42
C THR D 157 21.56 7.62 8.14
N ILE D 158 22.45 6.67 7.81
CA ILE D 158 23.75 6.96 7.21
C ILE D 158 23.54 7.01 5.71
N ALA D 159 23.44 8.21 5.16
CA ALA D 159 23.19 8.41 3.72
C ALA D 159 24.45 8.10 2.92
N ASP D 160 25.60 8.30 3.55
CA ASP D 160 26.86 7.94 2.94
C ASP D 160 27.95 7.75 4.01
N CYS D 161 28.98 6.99 3.65
CA CYS D 161 30.11 6.77 4.54
C CYS D 161 31.35 6.31 3.76
N GLY D 162 32.50 6.39 4.38
CA GLY D 162 33.78 6.07 3.73
C GLY D 162 34.94 6.51 4.59
N GLN D 163 36.12 6.62 3.99
CA GLN D 163 37.35 6.90 4.73
C GLN D 163 37.94 8.20 4.25
N LEU D 164 38.60 8.95 5.12
CA LEU D 164 39.17 10.25 4.73
C LEU D 164 40.63 10.17 4.25
N VAL E 2 1.92 -33.16 41.09
CA VAL E 2 1.12 -33.67 39.93
C VAL E 2 1.25 -32.77 38.69
N ASN E 3 1.84 -33.30 37.62
CA ASN E 3 2.20 -32.45 36.47
C ASN E 3 0.97 -31.87 35.73
N PRO E 4 0.93 -30.53 35.55
CA PRO E 4 -0.15 -29.88 34.84
C PRO E 4 -0.10 -30.12 33.33
N THR E 5 -1.26 -30.02 32.69
CA THR E 5 -1.37 -30.13 31.24
C THR E 5 -1.91 -28.81 30.71
N VAL E 6 -1.35 -28.32 29.62
CA VAL E 6 -1.83 -27.09 28.97
C VAL E 6 -2.15 -27.35 27.49
N PHE E 7 -2.81 -26.40 26.83
CA PHE E 7 -3.16 -26.57 25.41
C PHE E 7 -3.00 -25.29 24.60
N PHE E 8 -2.62 -25.44 23.33
CA PHE E 8 -2.71 -24.38 22.35
C PHE E 8 -3.71 -24.81 21.31
N ASP E 9 -4.53 -23.86 20.86
CA ASP E 9 -5.30 -24.04 19.63
C ASP E 9 -4.58 -23.29 18.52
N ILE E 10 -4.20 -24.04 17.49
CA ILE E 10 -3.35 -23.50 16.43
C ILE E 10 -4.19 -23.11 15.23
N ALA E 11 -3.88 -21.94 14.67
CA ALA E 11 -4.58 -21.44 13.50
C ALA E 11 -3.58 -20.92 12.47
N VAL E 12 -3.97 -21.07 11.19
CA VAL E 12 -3.13 -20.72 10.05
C VAL E 12 -3.79 -19.62 9.20
N ASP E 13 -3.19 -18.43 9.20
CA ASP E 13 -3.82 -17.22 8.64
C ASP E 13 -5.24 -17.05 9.18
N GLY E 14 -5.41 -17.30 10.47
CA GLY E 14 -6.69 -17.15 11.14
C GLY E 14 -7.66 -18.31 11.00
N GLU E 15 -7.27 -19.38 10.30
CA GLU E 15 -8.12 -20.57 10.13
C GLU E 15 -7.68 -21.67 11.10
N PRO E 16 -8.63 -22.27 11.85
CA PRO E 16 -8.26 -23.32 12.82
C PRO E 16 -7.58 -24.52 12.16
N LEU E 17 -6.55 -25.03 12.82
CA LEU E 17 -5.82 -26.20 12.34
C LEU E 17 -6.12 -27.38 13.27
N GLY E 18 -5.79 -27.22 14.55
CA GLY E 18 -6.09 -28.23 15.56
C GLY E 18 -5.41 -27.91 16.89
N ARG E 19 -5.67 -28.76 17.89
CA ARG E 19 -5.17 -28.54 19.23
C ARG E 19 -3.87 -29.32 19.46
N VAL E 20 -2.96 -28.72 20.24
CA VAL E 20 -1.77 -29.39 20.71
C VAL E 20 -1.72 -29.24 22.23
N SER E 21 -1.47 -30.34 22.94
CA SER E 21 -1.45 -30.34 24.39
C SER E 21 -0.10 -30.87 24.88
N PHE E 22 0.38 -30.31 25.99
CA PHE E 22 1.70 -30.61 26.52
C PHE E 22 1.61 -31.01 27.99
N GLU E 23 2.41 -31.99 28.38
CA GLU E 23 2.69 -32.21 29.79
C GLU E 23 3.83 -31.29 30.13
N LEU E 24 3.70 -30.58 31.25
CA LEU E 24 4.78 -29.76 31.77
C LEU E 24 5.37 -30.46 32.99
N PHE E 25 6.68 -30.70 32.91
CA PHE E 25 7.40 -31.46 33.91
C PHE E 25 7.73 -30.59 35.15
N ALA E 26 6.70 -30.25 35.91
CA ALA E 26 6.86 -29.46 37.11
C ALA E 26 7.59 -30.24 38.20
N ASP E 27 7.61 -31.56 38.09
CA ASP E 27 8.32 -32.41 39.03
C ASP E 27 9.84 -32.46 38.79
N LYS E 28 10.31 -31.92 37.67
CA LYS E 28 11.74 -31.74 37.42
C LYS E 28 12.15 -30.27 37.41
N VAL E 29 11.32 -29.43 36.81
CA VAL E 29 11.64 -28.01 36.68
C VAL E 29 10.41 -27.19 37.03
N PRO E 30 10.04 -27.14 38.32
CA PRO E 30 8.76 -26.54 38.69
C PRO E 30 8.63 -25.07 38.30
N LYS E 31 9.71 -24.32 38.43
CA LYS E 31 9.70 -22.89 38.15
C LYS E 31 9.54 -22.59 36.66
N THR E 32 10.18 -23.37 35.80
CA THR E 32 10.08 -23.16 34.35
C THR E 32 8.71 -23.68 33.82
N ALA E 33 8.25 -24.77 34.44
CA ALA E 33 6.94 -25.32 34.19
C ALA E 33 5.93 -24.25 34.53
N GLU E 34 6.04 -23.69 35.72
CA GLU E 34 5.04 -22.75 36.20
C GLU E 34 4.94 -21.49 35.31
N ASN E 35 6.08 -21.00 34.78
CA ASN E 35 6.08 -19.83 33.87
C ASN E 35 5.20 -20.08 32.63
N PHE E 36 5.48 -21.18 31.94
CA PHE E 36 4.72 -21.59 30.76
C PHE E 36 3.25 -21.76 31.10
N ARG E 37 2.97 -22.49 32.17
CA ARG E 37 1.59 -22.74 32.56
C ARG E 37 0.82 -21.44 32.67
N ALA E 38 1.35 -20.48 33.42
CA ALA E 38 0.61 -19.23 33.69
C ALA E 38 0.55 -18.30 32.48
N LEU E 39 1.58 -18.33 31.65
CA LEU E 39 1.57 -17.63 30.36
C LEU E 39 0.54 -18.26 29.39
N SER E 40 0.24 -19.55 29.59
CA SER E 40 -0.75 -20.25 28.78
C SER E 40 -2.20 -19.93 29.21
N THR E 41 -2.45 -19.81 30.51
CA THR E 41 -3.78 -19.42 30.97
C THR E 41 -4.00 -17.92 30.81
N GLY E 42 -2.91 -17.15 30.71
CA GLY E 42 -3.00 -15.69 30.58
C GLY E 42 -3.33 -14.98 31.89
N GLU E 43 -3.22 -15.69 33.00
CA GLU E 43 -3.74 -15.24 34.29
C GLU E 43 -3.04 -14.06 34.98
N LYS E 44 -1.91 -13.60 34.44
CA LYS E 44 -1.24 -12.43 35.00
C LYS E 44 -1.45 -11.22 34.08
N GLY E 45 -2.46 -11.29 33.22
CA GLY E 45 -2.76 -10.19 32.30
C GLY E 45 -1.99 -10.23 31.00
N PHE E 46 -1.20 -11.27 30.81
CA PHE E 46 -0.50 -11.46 29.55
C PHE E 46 -0.06 -12.92 29.43
N GLY E 47 0.38 -13.26 28.23
CA GLY E 47 0.72 -14.62 27.92
C GLY E 47 0.65 -14.94 26.44
N TYR E 48 0.60 -16.23 26.14
CA TYR E 48 0.80 -16.72 24.77
C TYR E 48 -0.37 -16.46 23.81
N LYS E 49 -1.55 -16.16 24.33
CA LYS E 49 -2.73 -16.00 23.47
C LYS E 49 -2.50 -14.94 22.39
N GLY E 50 -2.75 -15.31 21.14
CA GLY E 50 -2.64 -14.39 20.01
C GLY E 50 -1.24 -14.24 19.45
N SER E 51 -0.28 -14.95 20.04
CA SER E 51 1.09 -14.85 19.62
C SER E 51 1.41 -15.83 18.49
N CYS E 52 2.55 -15.64 17.82
CA CYS E 52 2.84 -16.44 16.63
C CYS E 52 4.10 -17.26 16.76
N PHE E 53 4.18 -18.30 15.93
CA PHE E 53 5.37 -19.10 15.74
C PHE E 53 6.16 -18.48 14.59
N HIS E 54 7.10 -17.61 14.94
CA HIS E 54 7.79 -16.74 13.99
C HIS E 54 8.95 -17.41 13.26
N ARG E 55 9.35 -18.60 13.72
CA ARG E 55 10.50 -19.28 13.16
C ARG E 55 10.27 -20.77 13.26
N ILE E 56 10.15 -21.42 12.12
CA ILE E 56 9.85 -22.85 12.04
C ILE E 56 10.81 -23.44 11.01
N ILE E 57 11.66 -24.36 11.45
CA ILE E 57 12.64 -25.01 10.57
C ILE E 57 12.32 -26.50 10.51
N PRO E 58 11.82 -26.98 9.35
CA PRO E 58 11.49 -28.38 9.12
C PRO E 58 12.65 -29.33 9.44
N GLY E 59 12.37 -30.38 10.22
CA GLY E 59 13.37 -31.34 10.64
C GLY E 59 14.06 -30.97 11.95
N PHE E 60 13.73 -29.80 12.52
CA PHE E 60 14.42 -29.28 13.71
C PHE E 60 13.39 -28.90 14.78
N MET E 61 12.82 -27.70 14.72
CA MET E 61 11.85 -27.25 15.74
C MET E 61 10.90 -26.16 15.25
N CYS E 62 9.90 -25.85 16.09
CA CYS E 62 9.01 -24.70 15.93
C CYS E 62 9.22 -23.75 17.10
N GLN E 63 9.63 -22.51 16.81
CA GLN E 63 9.86 -21.49 17.84
C GLN E 63 8.72 -20.46 17.85
N GLY E 64 8.29 -20.07 19.05
CA GLY E 64 7.26 -19.06 19.25
C GLY E 64 7.38 -18.42 20.62
N GLY E 65 6.29 -17.83 21.09
CA GLY E 65 6.23 -17.29 22.45
C GLY E 65 6.65 -15.84 22.64
N ASN E 66 6.89 -15.09 21.57
CA ASN E 66 7.28 -13.71 21.70
C ASN E 66 6.07 -12.79 21.62
N PHE E 67 6.01 -11.79 22.48
CA PHE E 67 5.02 -10.70 22.42
C PHE E 67 5.74 -9.43 22.90
N THR E 68 5.16 -8.26 22.62
CA THR E 68 5.85 -6.97 22.87
C THR E 68 5.41 -6.24 24.15
N GLY E 74 12.21 -9.40 23.64
CA GLY E 74 11.88 -10.77 23.23
C GLY E 74 11.04 -11.53 24.26
N GLY E 75 10.01 -10.86 24.78
CA GLY E 75 9.12 -11.41 25.80
C GLY E 75 9.55 -11.17 27.24
N LYS E 76 8.65 -11.52 28.16
CA LYS E 76 8.98 -11.52 29.58
C LYS E 76 8.33 -12.72 30.28
N SER E 77 8.95 -13.15 31.38
CA SER E 77 8.42 -14.24 32.21
C SER E 77 7.53 -13.63 33.29
N ILE E 78 6.82 -14.50 34.01
CA ILE E 78 6.00 -14.02 35.13
C ILE E 78 6.88 -13.50 36.27
N TYR E 79 8.13 -13.96 36.33
CA TYR E 79 9.09 -13.59 37.37
C TYR E 79 9.84 -12.31 37.09
N GLY E 80 9.74 -11.79 35.86
CA GLY E 80 10.47 -10.60 35.44
C GLY E 80 11.06 -10.72 34.05
N GLU E 81 11.96 -9.79 33.70
CA GLU E 81 12.48 -9.73 32.33
C GLU E 81 13.26 -10.97 31.90
N LYS E 82 13.69 -11.79 32.86
CA LYS E 82 14.41 -13.05 32.55
C LYS E 82 14.63 -13.80 33.87
N PHE E 83 14.81 -15.11 33.78
CA PHE E 83 15.10 -15.91 34.97
C PHE E 83 16.14 -16.99 34.69
N GLU E 84 16.77 -17.46 35.76
CA GLU E 84 17.91 -18.39 35.68
C GLU E 84 17.48 -19.66 34.97
N ASP E 85 18.42 -20.30 34.28
CA ASP E 85 18.28 -21.68 33.91
C ASP E 85 18.15 -22.48 35.21
N GLU E 86 17.02 -23.12 35.42
CA GLU E 86 16.69 -23.82 36.67
C GLU E 86 17.54 -25.09 36.85
N ASN E 87 17.57 -25.94 35.84
CA ASN E 87 18.50 -27.08 35.82
C ASN E 87 18.47 -27.71 34.43
N PHE E 88 19.35 -28.66 34.21
CA PHE E 88 19.44 -29.35 32.92
C PHE E 88 19.26 -30.84 33.14
N ILE E 89 18.38 -31.21 34.05
CA ILE E 89 18.16 -32.63 34.31
C ILE E 89 17.64 -33.31 33.02
N LEU E 90 16.73 -32.64 32.32
CA LEU E 90 16.08 -33.26 31.18
C LEU E 90 16.78 -32.91 29.89
N LYS E 91 16.92 -33.93 29.04
CA LYS E 91 17.57 -33.83 27.74
C LYS E 91 16.56 -33.71 26.59
N HIS E 92 17.02 -33.10 25.49
CA HIS E 92 16.27 -33.04 24.25
C HIS E 92 16.34 -34.44 23.63
N THR E 93 15.33 -35.26 23.93
CA THR E 93 15.36 -36.69 23.64
C THR E 93 14.69 -37.11 22.33
N GLY E 94 13.89 -36.23 21.72
CA GLY E 94 13.20 -36.55 20.47
C GLY E 94 12.07 -35.59 20.10
N PRO E 95 11.29 -35.93 19.07
CA PRO E 95 10.13 -35.10 18.76
C PRO E 95 9.18 -34.94 19.95
N GLY E 96 8.58 -33.76 20.05
CA GLY E 96 7.64 -33.44 21.11
C GLY E 96 8.21 -32.71 22.31
N ILE E 97 9.53 -32.67 22.47
CA ILE E 97 10.12 -31.98 23.59
C ILE E 97 9.83 -30.49 23.51
N LEU E 98 9.41 -29.95 24.64
CA LEU E 98 9.20 -28.51 24.84
C LEU E 98 10.41 -27.98 25.62
N SER E 99 11.03 -26.93 25.10
CA SER E 99 12.27 -26.40 25.68
C SER E 99 12.34 -24.89 25.56
N MET E 100 13.07 -24.26 26.50
CA MET E 100 13.20 -22.80 26.52
C MET E 100 14.23 -22.26 25.54
N ALA E 101 13.82 -21.28 24.73
CA ALA E 101 14.77 -20.49 23.94
C ALA E 101 15.41 -19.53 24.93
N ASN E 102 16.57 -18.99 24.55
CA ASN E 102 17.28 -18.01 25.37
C ASN E 102 18.27 -17.17 24.55
N ALA E 103 18.99 -16.27 25.18
CA ALA E 103 20.03 -15.48 24.52
C ALA E 103 21.33 -15.67 25.29
N GLY E 104 21.60 -16.94 25.62
CA GLY E 104 22.75 -17.29 26.44
C GLY E 104 22.32 -17.74 27.82
N PRO E 105 23.30 -17.91 28.74
CA PRO E 105 22.98 -18.41 30.07
C PRO E 105 22.12 -17.44 30.89
N ASN E 106 21.06 -17.99 31.52
CA ASN E 106 20.21 -17.30 32.47
C ASN E 106 19.49 -16.11 31.85
N THR E 107 18.89 -16.36 30.68
CA THR E 107 18.13 -15.32 29.99
C THR E 107 16.76 -15.84 29.53
N ASN E 108 16.26 -16.89 30.17
CA ASN E 108 14.91 -17.40 29.90
C ASN E 108 13.84 -16.34 30.12
N GLY E 109 12.99 -16.14 29.13
CA GLY E 109 11.88 -15.21 29.28
C GLY E 109 10.58 -15.94 29.02
N SER E 110 10.06 -15.81 27.81
CA SER E 110 8.85 -16.54 27.42
C SER E 110 9.02 -17.40 26.17
N GLN E 111 10.04 -17.13 25.33
CA GLN E 111 10.14 -17.84 24.05
C GLN E 111 10.53 -19.30 24.31
N PHE E 112 10.02 -20.17 23.47
CA PHE E 112 10.16 -21.61 23.68
C PHE E 112 10.21 -22.33 22.35
N PHE E 113 10.44 -23.65 22.39
CA PHE E 113 10.32 -24.38 21.16
C PHE E 113 9.84 -25.80 21.34
N ILE E 114 9.13 -26.28 20.31
CA ILE E 114 8.70 -27.65 20.22
C ILE E 114 9.57 -28.36 19.19
N CYS E 115 10.36 -29.32 19.66
CA CYS E 115 11.24 -30.09 18.77
C CYS E 115 10.46 -31.00 17.85
N THR E 116 10.85 -31.04 16.57
CA THR E 116 10.35 -32.07 15.64
C THR E 116 11.38 -33.18 15.36
N ALA E 117 12.51 -33.11 16.06
CA ALA E 117 13.57 -34.13 15.95
C ALA E 117 14.34 -34.14 17.24
N LYS E 118 15.10 -35.19 17.49
CA LYS E 118 16.06 -35.24 18.59
C LYS E 118 17.09 -34.15 18.35
N THR E 119 17.25 -33.25 19.32
CA THR E 119 18.16 -32.10 19.21
C THR E 119 19.17 -32.14 20.37
N GLU E 120 20.08 -33.11 20.30
CA GLU E 120 20.97 -33.43 21.43
C GLU E 120 22.05 -32.38 21.65
N TRP E 121 22.45 -31.72 20.57
CA TRP E 121 23.47 -30.70 20.60
C TRP E 121 23.04 -29.48 21.43
N LEU E 122 21.77 -29.43 21.78
CA LEU E 122 21.28 -28.40 22.69
C LEU E 122 21.29 -28.79 24.18
N ASP E 123 21.64 -30.03 24.53
CA ASP E 123 21.60 -30.41 25.95
C ASP E 123 22.55 -29.55 26.79
N GLY E 124 22.13 -29.19 27.98
CA GLY E 124 22.95 -28.36 28.85
C GLY E 124 22.98 -26.87 28.54
N LYS E 125 22.25 -26.44 27.52
CA LYS E 125 22.15 -25.01 27.20
C LYS E 125 20.73 -24.47 27.12
N HIS E 126 19.76 -25.36 26.94
CA HIS E 126 18.37 -24.97 26.87
C HIS E 126 17.65 -25.85 27.86
N VAL E 127 16.79 -25.25 28.67
CA VAL E 127 16.13 -26.02 29.73
C VAL E 127 14.93 -26.76 29.15
N VAL E 128 15.02 -28.08 29.10
CA VAL E 128 13.87 -28.90 28.68
C VAL E 128 12.86 -28.91 29.84
N PHE E 129 11.56 -28.73 29.53
CA PHE E 129 10.54 -28.64 30.59
C PHE E 129 9.16 -29.26 30.34
N GLY E 130 8.96 -29.83 29.15
CA GLY E 130 7.70 -30.45 28.83
C GLY E 130 7.74 -31.31 27.59
N LYS E 131 6.61 -31.91 27.26
CA LYS E 131 6.51 -32.76 26.09
C LYS E 131 5.10 -32.72 25.56
N VAL E 132 4.98 -32.79 24.24
CA VAL E 132 3.70 -32.88 23.59
C VAL E 132 3.06 -34.18 24.05
N LYS E 133 1.77 -34.09 24.36
CA LYS E 133 0.99 -35.21 24.87
C LYS E 133 0.00 -35.62 23.77
N GLU E 134 -0.75 -34.66 23.24
CA GLU E 134 -1.65 -34.92 22.10
C GLU E 134 -1.47 -33.88 21.01
N GLY E 135 -1.86 -34.23 19.80
CA GLY E 135 -1.76 -33.33 18.67
C GLY E 135 -0.37 -33.16 18.09
N MET E 136 0.47 -34.19 18.17
CA MET E 136 1.78 -34.10 17.53
C MET E 136 1.58 -33.90 16.03
N ASN E 137 0.59 -34.59 15.46
CA ASN E 137 0.17 -34.38 14.07
C ASN E 137 -0.05 -32.91 13.69
N ILE E 138 -0.53 -32.10 14.65
CA ILE E 138 -0.73 -30.66 14.39
C ILE E 138 0.64 -29.97 14.23
N VAL E 139 1.58 -30.28 15.11
CA VAL E 139 2.97 -29.76 14.99
C VAL E 139 3.63 -30.19 13.67
N GLU E 140 3.45 -31.45 13.29
CA GLU E 140 3.90 -31.93 11.99
C GLU E 140 3.36 -31.07 10.85
N ALA E 141 2.09 -30.67 10.95
CA ALA E 141 1.45 -29.86 9.91
C ALA E 141 1.94 -28.41 9.96
N MET E 142 2.16 -27.88 11.16
CA MET E 142 2.79 -26.56 11.30
C MET E 142 4.17 -26.52 10.64
N GLU E 143 4.95 -27.58 10.89
CA GLU E 143 6.32 -27.74 10.37
C GLU E 143 6.38 -27.49 8.86
N ARG E 144 5.37 -27.97 8.14
CA ARG E 144 5.36 -27.86 6.68
C ARG E 144 5.17 -26.43 6.17
N PHE E 145 4.97 -25.48 7.09
CA PHE E 145 4.93 -24.07 6.72
C PHE E 145 6.24 -23.36 6.99
N GLY E 146 7.28 -24.10 7.35
CA GLY E 146 8.59 -23.52 7.58
C GLY E 146 9.45 -23.42 6.33
N SER E 147 10.73 -23.14 6.55
CA SER E 147 11.76 -23.13 5.50
C SER E 147 13.13 -23.33 6.16
N ARG E 148 14.21 -23.47 5.40
CA ARG E 148 15.52 -23.71 6.02
C ARG E 148 15.88 -22.58 6.95
N ASN E 149 15.72 -21.34 6.50
CA ASN E 149 16.06 -20.16 7.30
C ASN E 149 14.96 -19.76 8.28
N GLY E 150 13.88 -20.54 8.34
CA GLY E 150 12.91 -20.47 9.43
C GLY E 150 11.73 -19.55 9.18
N LYS E 151 11.80 -18.78 8.10
CA LYS E 151 10.71 -17.89 7.74
C LYS E 151 9.51 -18.76 7.30
N THR E 152 8.32 -18.46 7.83
CA THR E 152 7.13 -19.21 7.50
C THR E 152 6.42 -18.58 6.30
N SER E 153 5.67 -19.40 5.56
CA SER E 153 4.96 -18.95 4.37
C SER E 153 3.50 -18.57 4.67
N LYS E 154 3.04 -18.92 5.87
CA LYS E 154 1.77 -18.46 6.39
C LYS E 154 1.94 -18.09 7.85
N LYS E 155 1.02 -17.29 8.38
CA LYS E 155 1.08 -16.85 9.76
C LYS E 155 0.49 -17.91 10.69
N ILE E 156 1.34 -18.47 11.55
CA ILE E 156 0.94 -19.55 12.46
C ILE E 156 0.77 -18.97 13.86
N THR E 157 -0.41 -19.14 14.45
CA THR E 157 -0.78 -18.43 15.66
C THR E 157 -1.45 -19.31 16.71
N ILE E 158 -1.30 -18.90 17.97
CA ILE E 158 -2.03 -19.46 19.10
C ILE E 158 -3.36 -18.70 19.20
N ALA E 159 -4.40 -19.22 18.57
CA ALA E 159 -5.73 -18.57 18.59
C ALA E 159 -6.30 -18.55 20.01
N ASP E 160 -6.09 -19.64 20.75
CA ASP E 160 -6.47 -19.72 22.16
C ASP E 160 -5.52 -20.68 22.86
N CYS E 161 -5.43 -20.56 24.18
CA CYS E 161 -4.60 -21.46 24.98
C CYS E 161 -5.00 -21.40 26.44
N GLY E 162 -4.72 -22.48 27.17
CA GLY E 162 -5.06 -22.56 28.59
C GLY E 162 -4.62 -23.86 29.24
N GLN E 163 -5.26 -24.21 30.36
CA GLN E 163 -4.91 -25.39 31.17
C GLN E 163 -6.06 -26.40 31.14
N LEU E 164 -5.77 -27.68 31.33
CA LEU E 164 -6.82 -28.71 31.25
C LEU E 164 -7.20 -29.29 32.63
N VAL F 9 -7.74 25.98 -5.94
CA VAL F 9 -8.34 24.68 -5.65
C VAL F 9 -8.99 24.79 -4.29
N ALA F 11 -11.67 23.17 -0.95
CA ALA F 11 -11.91 21.91 -0.24
C ALA F 11 -13.23 21.31 -0.67
N VAL G 9 -0.99 -30.78 -30.82
CA VAL G 9 0.19 -30.26 -30.14
C VAL G 9 1.10 -31.42 -29.83
N ALA G 11 5.04 -33.11 -28.45
CA ALA G 11 5.96 -32.91 -27.33
C ALA G 11 7.20 -32.23 -27.87
N VAL H 9 -33.08 33.41 17.42
CA VAL H 9 -34.07 32.35 17.37
C VAL H 9 -35.41 33.03 17.17
N ALA H 11 -39.86 32.97 16.19
CA ALA H 11 -41.05 32.18 16.56
C ALA H 11 -41.53 31.24 15.40
N VAL I 9 16.94 -6.95 24.25
CA VAL I 9 17.16 -5.64 24.86
C VAL I 9 16.65 -5.76 26.30
N ALA I 11 16.08 -4.05 30.44
CA ALA I 11 15.82 -2.80 31.16
C ALA I 11 17.14 -2.28 31.72
N VAL J 9 20.27 -14.39 16.13
CA VAL J 9 20.07 -15.71 15.56
C VAL J 9 21.40 -16.02 14.92
N ALA J 11 24.10 -18.91 12.68
CA ALA J 11 24.08 -19.99 11.69
C ALA J 11 24.16 -21.35 12.37
#